data_9IMH
#
_entry.id   9IMH
#
_cell.length_a   1.00
_cell.length_b   1.00
_cell.length_c   1.00
_cell.angle_alpha   90.00
_cell.angle_beta   90.00
_cell.angle_gamma   90.00
#
_symmetry.space_group_name_H-M   'P 1'
#
_entity_poly.entity_id   1
_entity_poly.type   'polypeptide(L)'
_entity_poly.pdbx_seq_one_letter_code
;MDHRTSIAQAMVDRISKQMDGSQPDEYFNNLYGNVSRQTYKFEEIREFPYVAVHIGTETGQYLPSGQQWMFLELPILVYD
KEKTDIQEQLEKLVADIKTVIDTGGNLEYTVSKPNGSTFPCEATDMIITSVSTDEGLLAPYGLAEINVTVRYQPPRRSLR
R
;
_entity_poly.pdbx_strand_id   A,B,C,D,E,F
#
# COMPACT_ATOMS: atom_id res chain seq x y z
N MET A 1 8.51 30.83 16.52
CA MET A 1 9.27 29.60 16.34
C MET A 1 9.07 29.20 14.87
N ASP A 2 9.22 27.90 14.54
CA ASP A 2 9.04 27.39 13.19
C ASP A 2 10.10 27.95 12.24
N HIS A 3 10.01 29.25 11.93
CA HIS A 3 10.97 29.97 11.09
C HIS A 3 10.92 29.52 9.64
N ARG A 4 9.95 28.67 9.36
CA ARG A 4 9.84 28.14 8.04
C ARG A 4 10.01 29.15 6.99
N THR A 5 9.06 30.04 6.84
CA THR A 5 9.11 31.03 5.77
C THR A 5 10.38 31.86 5.87
N SER A 6 10.88 32.10 7.09
CA SER A 6 12.16 32.77 7.23
C SER A 6 13.28 31.93 6.64
N ILE A 7 13.22 30.60 6.84
CA ILE A 7 14.21 29.71 6.22
C ILE A 7 14.16 29.84 4.71
N ALA A 8 12.95 29.79 4.15
CA ALA A 8 12.80 29.87 2.70
C ALA A 8 13.31 31.22 2.17
N GLN A 9 12.98 32.30 2.86
CA GLN A 9 13.39 33.63 2.44
C GLN A 9 14.90 33.78 2.50
N ALA A 10 15.53 33.30 3.57
CA ALA A 10 16.98 33.38 3.66
C ALA A 10 17.64 32.54 2.58
N MET A 11 17.11 31.35 2.31
CA MET A 11 17.69 30.52 1.26
C MET A 11 17.57 31.17 -0.10
N VAL A 12 16.41 31.73 -0.42
CA VAL A 12 16.23 32.36 -1.73
C VAL A 12 17.08 33.61 -1.85
N ASP A 13 17.23 34.37 -0.76
CA ASP A 13 18.12 35.52 -0.78
C ASP A 13 19.56 35.09 -1.01
N ARG A 14 19.98 33.98 -0.39
CA ARG A 14 21.32 33.45 -0.63
C ARG A 14 21.49 33.07 -2.09
N ILE A 15 20.49 32.41 -2.67
CA ILE A 15 20.57 32.03 -4.08
C ILE A 15 20.74 33.25 -4.95
N SER A 16 19.89 34.27 -4.74
CA SER A 16 19.95 35.47 -5.57
C SER A 16 21.28 36.18 -5.42
N LYS A 17 21.77 36.33 -4.18
CA LYS A 17 23.00 37.08 -3.95
C LYS A 17 24.22 36.29 -4.37
N GLN A 18 24.08 34.97 -4.51
CA GLN A 18 25.23 34.14 -4.80
C GLN A 18 25.40 33.85 -6.29
N MET A 19 24.31 33.79 -7.06
CA MET A 19 24.44 33.49 -8.48
C MET A 19 24.15 34.67 -9.41
N ASP A 20 24.34 35.91 -8.94
CA ASP A 20 24.07 37.07 -9.77
C ASP A 20 25.36 37.77 -10.20
N GLY A 21 25.60 37.76 -11.51
CA GLY A 21 26.63 38.59 -12.13
C GLY A 21 27.98 38.61 -11.46
N SER A 22 28.36 37.54 -10.76
CA SER A 22 29.62 37.52 -10.05
C SER A 22 30.11 36.08 -9.97
N GLN A 23 31.41 35.93 -9.68
CA GLN A 23 32.14 34.66 -9.60
C GLN A 23 31.67 33.70 -10.70
N PRO A 24 31.95 34.03 -11.96
CA PRO A 24 31.46 33.20 -13.06
C PRO A 24 32.07 31.82 -13.12
N ASP A 25 33.22 31.60 -12.47
CA ASP A 25 33.74 30.26 -12.33
C ASP A 25 32.97 29.51 -11.25
N GLU A 26 32.65 28.25 -11.54
CA GLU A 26 31.98 27.34 -10.61
C GLU A 26 30.52 27.71 -10.42
N TYR A 27 30.10 28.82 -11.04
CA TYR A 27 28.74 29.35 -10.91
C TYR A 27 28.46 30.17 -12.15
N PHE A 28 27.55 29.71 -13.02
CA PHE A 28 27.19 30.50 -14.20
C PHE A 28 25.72 30.28 -14.57
N ASN A 29 24.89 31.23 -14.12
CA ASN A 29 23.55 31.44 -14.69
C ASN A 29 23.25 32.90 -14.97
N ASN A 30 23.94 33.84 -14.35
CA ASN A 30 23.79 35.28 -14.57
C ASN A 30 22.33 35.71 -14.45
N LEU A 31 21.70 35.22 -13.38
CA LEU A 31 20.35 35.67 -13.07
C LEU A 31 20.41 37.12 -12.59
N TYR A 32 19.72 38.01 -13.32
CA TYR A 32 19.52 39.38 -12.82
C TYR A 32 18.84 39.33 -11.47
N GLY A 33 18.07 38.28 -11.23
CA GLY A 33 17.42 37.92 -10.00
C GLY A 33 16.01 37.54 -10.34
N ASN A 34 15.67 36.27 -10.12
CA ASN A 34 14.35 35.78 -10.48
C ASN A 34 13.76 34.97 -9.34
N VAL A 35 14.59 34.19 -8.66
CA VAL A 35 14.14 33.21 -7.69
C VAL A 35 13.43 33.89 -6.53
N SER A 36 12.27 33.35 -6.15
CA SER A 36 11.48 33.88 -5.05
C SER A 36 10.44 32.83 -4.67
N ARG A 37 9.78 33.06 -3.54
CA ARG A 37 8.67 32.23 -3.11
C ARG A 37 7.32 32.92 -3.22
N GLN A 38 7.29 34.22 -3.52
CA GLN A 38 6.03 34.96 -3.55
C GLN A 38 5.17 34.54 -4.74
N THR A 39 5.78 34.48 -5.93
CA THR A 39 5.06 34.15 -7.16
C THR A 39 5.55 32.80 -7.66
N TYR A 40 4.61 31.89 -7.90
CA TYR A 40 4.93 30.54 -8.37
C TYR A 40 3.70 29.98 -9.08
N LYS A 41 3.70 28.66 -9.28
CA LYS A 41 2.66 27.82 -9.89
C LYS A 41 3.02 27.53 -11.35
N PHE A 42 2.92 28.56 -12.19
CA PHE A 42 3.16 28.49 -13.63
C PHE A 42 2.59 29.75 -14.28
N GLU A 43 1.37 30.11 -13.93
CA GLU A 43 0.83 31.40 -14.36
C GLU A 43 1.71 32.52 -13.85
N GLU A 44 1.87 33.56 -14.67
CA GLU A 44 2.97 34.52 -14.61
C GLU A 44 4.24 33.84 -15.09
N ILE A 45 5.39 34.23 -14.54
CA ILE A 45 6.68 33.72 -14.98
C ILE A 45 6.84 33.99 -16.48
N ARG A 46 6.96 35.26 -16.84
CA ARG A 46 7.34 35.61 -18.21
C ARG A 46 8.84 35.48 -18.42
N GLU A 47 9.63 35.49 -17.36
CA GLU A 47 11.07 35.31 -17.42
C GLU A 47 11.40 33.82 -17.27
N PHE A 48 12.54 33.37 -17.72
CA PHE A 48 12.79 31.97 -17.52
C PHE A 48 14.03 31.59 -16.73
N PRO A 49 14.73 30.46 -17.06
CA PRO A 49 15.76 30.04 -16.16
C PRO A 49 15.24 30.45 -14.78
N TYR A 50 13.97 30.16 -14.33
CA TYR A 50 13.35 30.63 -13.10
C TYR A 50 13.09 29.56 -12.17
N VAL A 51 13.89 29.54 -11.16
CA VAL A 51 13.81 28.47 -10.17
C VAL A 51 12.96 28.98 -9.03
N ALA A 52 12.06 28.14 -8.53
CA ALA A 52 11.10 28.54 -7.51
C ALA A 52 11.21 27.63 -6.30
N VAL A 53 10.99 28.21 -5.12
CA VAL A 53 11.02 27.48 -3.86
C VAL A 53 9.61 27.43 -3.30
N HIS A 54 9.16 26.22 -2.98
CA HIS A 54 7.84 26.02 -2.40
C HIS A 54 7.98 25.78 -0.90
N ILE A 55 6.86 25.62 -0.21
CA ILE A 55 6.82 25.34 1.22
C ILE A 55 6.11 24.02 1.41
N GLY A 56 6.76 23.10 2.12
CA GLY A 56 6.23 21.77 2.29
C GLY A 56 5.93 21.39 3.72
N THR A 57 5.57 20.13 3.94
CA THR A 57 5.20 19.67 5.28
C THR A 57 6.44 19.48 6.14
N GLU A 58 6.26 19.71 7.45
CA GLU A 58 7.30 19.50 8.43
C GLU A 58 7.16 18.11 9.03
N THR A 59 8.16 17.74 9.84
CA THR A 59 8.13 16.51 10.63
C THR A 59 8.89 16.76 11.91
N GLY A 60 8.35 16.29 13.03
CA GLY A 60 8.94 16.62 14.31
C GLY A 60 9.06 15.47 15.30
N GLN A 61 10.06 15.56 16.17
CA GLN A 61 10.25 14.65 17.28
C GLN A 61 10.87 15.41 18.44
N TYR A 62 10.68 14.89 19.65
CA TYR A 62 11.10 15.55 20.88
C TYR A 62 12.27 14.81 21.50
N LEU A 63 13.33 15.55 21.86
CA LEU A 63 14.43 15.02 22.64
C LEU A 63 14.32 15.46 24.09
N PRO A 64 14.59 14.58 25.05
CA PRO A 64 14.30 14.84 26.47
C PRO A 64 15.23 15.83 27.15
N SER A 65 15.48 16.97 26.49
CA SER A 65 16.21 18.05 27.13
C SER A 65 15.63 19.42 26.79
N GLY A 66 14.42 19.48 26.26
CA GLY A 66 13.83 20.72 25.82
C GLY A 66 14.07 21.05 24.35
N GLN A 67 15.05 20.41 23.72
CA GLN A 67 15.29 20.65 22.30
C GLN A 67 14.45 19.69 21.45
N GLN A 68 13.88 20.23 20.38
CA GLN A 68 13.02 19.49 19.49
C GLN A 68 13.59 19.49 18.08
N TRP A 69 13.72 18.31 17.50
CA TRP A 69 14.29 18.13 16.16
C TRP A 69 13.15 18.14 15.16
N MET A 70 13.25 19.01 14.15
CA MET A 70 12.22 19.12 13.13
C MET A 70 12.85 19.13 11.75
N PHE A 71 12.26 18.36 10.85
CA PHE A 71 12.73 18.26 9.47
C PHE A 71 11.81 19.08 8.57
N LEU A 72 12.38 20.03 7.85
CA LEU A 72 11.63 20.88 6.94
C LEU A 72 11.89 20.43 5.51
N GLU A 73 10.82 20.26 4.75
CA GLU A 73 10.90 19.79 3.37
C GLU A 73 10.56 20.95 2.44
N LEU A 74 11.52 21.33 1.60
CA LEU A 74 11.35 22.44 0.66
C LEU A 74 11.39 21.91 -0.76
N PRO A 75 10.27 21.47 -1.32
CA PRO A 75 10.26 21.06 -2.72
C PRO A 75 10.43 22.28 -3.63
N ILE A 76 11.59 22.40 -4.25
CA ILE A 76 11.91 23.53 -5.10
C ILE A 76 11.95 23.06 -6.54
N LEU A 77 11.36 23.84 -7.44
CA LEU A 77 11.15 23.45 -8.82
C LEU A 77 11.99 24.32 -9.75
N VAL A 78 12.32 23.77 -10.91
CA VAL A 78 13.12 24.45 -11.92
C VAL A 78 12.34 24.51 -13.22
N TYR A 79 12.22 25.71 -13.78
CA TYR A 79 11.57 25.95 -15.06
C TYR A 79 12.58 26.57 -16.02
N ASP A 80 12.54 26.15 -17.28
CA ASP A 80 13.49 26.68 -18.24
C ASP A 80 12.94 26.49 -19.66
N LYS A 81 13.36 27.37 -20.57
CA LYS A 81 12.94 27.30 -21.96
C LYS A 81 13.85 26.38 -22.76
N GLU A 82 13.74 26.42 -24.08
CA GLU A 82 14.49 25.52 -24.94
C GLU A 82 15.95 25.93 -25.05
N LYS A 83 16.21 27.12 -25.60
CA LYS A 83 17.57 27.60 -25.83
C LYS A 83 18.37 26.58 -26.64
N THR A 84 19.66 26.43 -26.31
CA THR A 84 20.50 25.46 -27.01
C THR A 84 19.99 24.04 -26.82
N ASP A 85 19.59 23.69 -25.58
CA ASP A 85 19.01 22.40 -25.29
C ASP A 85 18.37 22.42 -23.90
N ILE A 86 17.22 21.76 -23.75
CA ILE A 86 16.55 21.73 -22.45
C ILE A 86 17.33 20.88 -21.46
N GLN A 87 17.82 19.73 -21.90
CA GLN A 87 18.44 18.78 -20.98
C GLN A 87 19.73 19.35 -20.38
N GLU A 88 20.64 19.83 -21.24
CA GLU A 88 21.94 20.28 -20.76
C GLU A 88 21.81 21.52 -19.88
N GLN A 89 21.06 22.52 -20.35
CA GLN A 89 20.91 23.74 -19.56
C GLN A 89 20.16 23.47 -18.26
N LEU A 90 19.12 22.64 -18.32
CA LEU A 90 18.39 22.28 -17.11
C LEU A 90 19.29 21.59 -16.09
N GLU A 91 20.05 20.59 -16.53
CA GLU A 91 20.89 19.88 -15.57
C GLU A 91 22.01 20.76 -15.05
N LYS A 92 22.54 21.66 -15.86
CA LYS A 92 23.64 22.49 -15.36
C LYS A 92 23.11 23.59 -14.45
N LEU A 93 21.87 24.04 -14.68
CA LEU A 93 21.24 24.96 -13.74
C LEU A 93 20.99 24.28 -12.40
N VAL A 94 20.48 23.06 -12.42
CA VAL A 94 20.27 22.36 -11.15
C VAL A 94 21.60 22.00 -10.51
N ALA A 95 22.65 21.80 -11.31
CA ALA A 95 23.99 21.62 -10.77
C ALA A 95 24.47 22.87 -10.04
N ASP A 96 24.21 24.04 -10.63
CA ASP A 96 24.53 25.29 -9.93
C ASP A 96 23.72 25.41 -8.64
N ILE A 97 22.44 25.04 -8.70
CA ILE A 97 21.60 25.08 -7.51
C ILE A 97 22.18 24.19 -6.42
N LYS A 98 22.64 22.99 -6.79
CA LYS A 98 23.15 22.07 -5.78
C LYS A 98 24.52 22.51 -5.27
N THR A 99 25.36 23.07 -6.14
CA THR A 99 26.66 23.51 -5.65
C THR A 99 26.54 24.73 -4.74
N VAL A 100 25.52 25.56 -4.94
CA VAL A 100 25.30 26.65 -3.98
C VAL A 100 24.56 26.15 -2.75
N ILE A 101 23.78 25.07 -2.88
CA ILE A 101 23.06 24.55 -1.72
C ILE A 101 24.02 23.79 -0.81
N ASP A 102 25.14 23.33 -1.35
CA ASP A 102 26.06 22.51 -0.56
C ASP A 102 27.40 23.19 -0.28
N THR A 103 28.12 23.62 -1.33
CA THR A 103 29.51 24.01 -1.16
C THR A 103 29.66 25.23 -0.26
N GLY A 104 28.81 26.23 -0.44
CA GLY A 104 29.02 27.48 0.26
C GLY A 104 28.38 27.57 1.64
N GLY A 105 29.18 27.31 2.68
CA GLY A 105 28.78 27.51 4.05
C GLY A 105 27.46 26.88 4.46
N ASN A 106 26.91 27.34 5.58
CA ASN A 106 25.56 26.99 5.99
C ASN A 106 24.60 28.11 5.64
N LEU A 107 23.37 28.02 6.15
CA LEU A 107 22.38 29.05 5.89
C LEU A 107 22.56 30.24 6.82
N GLU A 108 21.71 31.24 6.61
CA GLU A 108 21.56 32.39 7.49
C GLU A 108 20.11 32.49 7.91
N TYR A 109 19.86 33.22 8.99
CA TYR A 109 18.49 33.45 9.46
C TYR A 109 18.27 34.94 9.64
N THR A 110 17.03 35.36 9.39
CA THR A 110 16.56 36.72 9.62
C THR A 110 15.24 36.69 10.37
N VAL A 111 15.14 35.76 11.32
CA VAL A 111 13.89 35.55 12.04
C VAL A 111 13.58 36.75 12.92
N SER A 112 12.29 36.97 13.16
CA SER A 112 11.80 38.12 13.91
C SER A 112 11.22 37.64 15.23
N LYS A 113 11.72 38.19 16.33
CA LYS A 113 11.13 37.93 17.63
C LYS A 113 9.82 38.69 17.76
N PRO A 114 8.88 38.20 18.60
CA PRO A 114 7.58 38.87 18.72
C PRO A 114 7.67 40.34 19.03
N ASN A 115 7.23 41.18 18.08
CA ASN A 115 7.22 42.64 18.24
C ASN A 115 8.60 43.17 18.64
N GLY A 116 9.64 42.59 18.04
CA GLY A 116 10.98 43.03 18.33
C GLY A 116 11.85 43.14 17.08
N SER A 117 13.16 43.01 17.25
CA SER A 117 14.12 43.10 16.16
C SER A 117 14.48 41.71 15.68
N THR A 118 15.17 41.66 14.54
CA THR A 118 15.58 40.39 13.95
C THR A 118 16.94 39.97 14.49
N PHE A 119 16.97 38.86 15.21
CA PHE A 119 18.24 38.32 15.69
C PHE A 119 18.64 37.14 14.83
N PRO A 120 19.83 37.16 14.23
CA PRO A 120 20.25 36.03 13.37
C PRO A 120 20.36 34.75 14.15
N CYS A 121 20.01 33.65 13.48
CA CYS A 121 20.17 32.30 14.02
C CYS A 121 20.74 31.41 12.93
N GLU A 122 20.73 30.11 13.16
CA GLU A 122 21.42 29.18 12.27
C GLU A 122 20.58 27.93 12.05
N ALA A 123 20.81 27.29 10.89
CA ALA A 123 20.21 26.01 10.55
C ALA A 123 21.28 24.93 10.62
N THR A 124 20.96 23.84 11.33
CA THR A 124 21.97 22.86 11.70
C THR A 124 22.58 22.17 10.49
N ASP A 125 21.75 21.60 9.62
CA ASP A 125 22.27 20.81 8.52
C ASP A 125 21.23 20.74 7.40
N MET A 126 21.71 20.48 6.19
CA MET A 126 20.88 20.39 5.00
C MET A 126 21.25 19.15 4.20
N ILE A 127 20.23 18.42 3.74
CA ILE A 127 20.42 17.23 2.93
C ILE A 127 19.50 17.32 1.73
N ILE A 128 20.04 17.08 0.54
CA ILE A 128 19.26 17.07 -0.69
C ILE A 128 18.94 15.63 -1.05
N THR A 129 17.66 15.31 -1.09
CA THR A 129 17.18 13.96 -1.37
C THR A 129 16.91 13.81 -2.87
N SER A 130 16.15 12.76 -3.23
CA SER A 130 15.86 12.41 -4.61
C SER A 130 15.50 13.65 -5.44
N VAL A 131 15.97 13.64 -6.69
CA VAL A 131 15.76 14.73 -7.63
C VAL A 131 15.17 14.13 -8.90
N SER A 132 14.16 14.78 -9.47
CA SER A 132 13.46 14.25 -10.62
C SER A 132 13.58 15.17 -11.83
N THR A 133 13.03 14.72 -12.95
CA THR A 133 12.98 15.48 -14.19
C THR A 133 11.65 15.21 -14.87
N ASP A 134 11.23 16.17 -15.70
CA ASP A 134 9.93 16.09 -16.37
C ASP A 134 10.03 15.13 -17.55
N GLU A 135 8.99 15.12 -18.38
CA GLU A 135 8.90 14.22 -19.53
C GLU A 135 8.81 15.04 -20.82
N GLY A 136 8.55 14.34 -21.92
CA GLY A 136 8.63 14.98 -23.22
C GLY A 136 7.59 16.06 -23.45
N LEU A 137 6.40 15.90 -22.87
CA LEU A 137 5.32 16.84 -23.12
C LEU A 137 5.70 18.23 -22.62
N LEU A 138 5.13 19.25 -23.27
CA LEU A 138 5.55 20.63 -23.11
C LEU A 138 7.03 20.77 -23.48
N ALA A 139 7.31 20.48 -24.76
CA ALA A 139 8.68 20.41 -25.25
C ALA A 139 9.50 21.69 -25.07
N PRO A 140 9.03 22.87 -25.48
CA PRO A 140 9.88 24.06 -25.31
C PRO A 140 10.08 24.46 -23.86
N TYR A 141 9.24 23.98 -22.95
CA TYR A 141 9.41 24.20 -21.52
C TYR A 141 9.98 22.93 -20.89
N GLY A 142 10.06 22.93 -19.57
CA GLY A 142 10.56 21.77 -18.86
C GLY A 142 10.54 21.97 -17.36
N LEU A 143 10.24 20.89 -16.65
CA LEU A 143 10.25 20.87 -15.19
C LEU A 143 11.45 20.09 -14.68
N ALA A 144 11.88 20.44 -13.47
CA ALA A 144 12.96 19.71 -12.82
C ALA A 144 12.69 19.77 -11.31
N GLU A 145 12.01 18.74 -10.80
CA GLU A 145 11.70 18.69 -9.38
C GLU A 145 12.89 18.15 -8.60
N ILE A 146 13.37 18.94 -7.64
CA ILE A 146 14.43 18.52 -6.73
C ILE A 146 13.97 18.79 -5.31
N ASN A 147 14.10 17.80 -4.46
CA ASN A 147 13.58 17.86 -3.09
C ASN A 147 14.74 17.99 -2.12
N VAL A 148 14.61 18.92 -1.18
CA VAL A 148 15.65 19.16 -0.18
C VAL A 148 15.01 19.13 1.20
N THR A 149 15.79 18.72 2.19
CA THR A 149 15.37 18.68 3.58
C THR A 149 16.31 19.52 4.42
N VAL A 150 15.74 20.20 5.41
CA VAL A 150 16.50 21.08 6.30
C VAL A 150 16.27 20.63 7.73
N ARG A 151 17.36 20.41 8.47
CA ARG A 151 17.31 20.04 9.87
C ARG A 151 17.72 21.28 10.67
N TYR A 152 16.77 21.85 11.41
CA TYR A 152 17.01 23.07 12.16
C TYR A 152 16.61 22.88 13.61
N GLN A 153 17.36 23.55 14.49
CA GLN A 153 17.01 23.59 15.91
C GLN A 153 16.24 24.86 16.21
N PRO A 154 14.94 24.79 16.47
CA PRO A 154 14.20 26.00 16.78
C PRO A 154 14.64 26.54 18.14
N PRO A 155 14.44 27.83 18.39
CA PRO A 155 14.78 28.37 19.71
C PRO A 155 13.98 27.66 20.79
N ARG A 156 14.69 27.16 21.80
CA ARG A 156 14.09 26.30 22.82
C ARG A 156 13.21 27.17 23.72
N ARG A 157 11.98 27.40 23.26
CA ARG A 157 11.07 28.21 24.04
C ARG A 157 10.39 27.36 25.11
N SER A 158 11.20 26.60 25.84
CA SER A 158 10.79 25.92 27.05
C SER A 158 11.78 26.32 28.14
N LEU A 159 11.47 25.93 29.38
CA LEU A 159 12.21 26.30 30.58
C LEU A 159 12.14 27.80 30.85
N ARG A 160 11.44 28.57 30.01
CA ARG A 160 11.25 30.01 30.18
C ARG A 160 9.79 30.31 29.84
N ARG A 161 8.95 30.28 30.88
CA ARG A 161 7.51 30.34 30.69
C ARG A 161 6.99 31.77 30.71
N MET B 1 -15.85 7.71 30.07
CA MET B 1 -14.49 8.13 29.80
C MET B 1 -14.43 9.02 28.55
N ASP B 2 -13.43 8.81 27.70
CA ASP B 2 -13.24 9.62 26.50
C ASP B 2 -13.02 11.09 26.84
N HIS B 3 -14.11 11.84 27.00
CA HIS B 3 -14.04 13.26 27.33
C HIS B 3 -13.35 14.06 26.22
N ARG B 4 -13.86 13.89 24.99
CA ARG B 4 -13.20 14.37 23.79
C ARG B 4 -13.53 15.82 23.50
N THR B 5 -14.83 16.14 23.43
CA THR B 5 -15.25 17.53 23.32
C THR B 5 -14.75 18.34 24.51
N SER B 6 -14.56 17.68 25.65
CA SER B 6 -13.91 18.35 26.78
C SER B 6 -12.48 18.76 26.43
N ILE B 7 -11.73 17.88 25.77
CA ILE B 7 -10.37 18.22 25.32
C ILE B 7 -10.42 19.40 24.36
N ALA B 8 -11.34 19.34 23.39
CA ALA B 8 -11.42 20.40 22.39
C ALA B 8 -11.76 21.74 23.04
N GLN B 9 -12.76 21.76 23.90
CA GLN B 9 -13.16 23.00 24.57
C GLN B 9 -12.04 23.51 25.48
N ALA B 10 -11.34 22.60 26.16
CA ALA B 10 -10.24 23.03 27.02
C ALA B 10 -9.14 23.70 26.21
N MET B 11 -8.77 23.11 25.08
CA MET B 11 -7.74 23.71 24.24
C MET B 11 -8.20 25.07 23.69
N VAL B 12 -9.45 25.16 23.25
CA VAL B 12 -9.95 26.42 22.71
C VAL B 12 -9.95 27.50 23.79
N ASP B 13 -10.42 27.14 24.99
CA ASP B 13 -10.46 28.12 26.08
C ASP B 13 -9.06 28.56 26.47
N ARG B 14 -8.12 27.61 26.53
CA ARG B 14 -6.74 27.96 26.85
C ARG B 14 -6.16 28.93 25.83
N ILE B 15 -6.34 28.63 24.55
CA ILE B 15 -5.79 29.49 23.50
C ILE B 15 -6.44 30.87 23.55
N SER B 16 -7.77 30.91 23.72
CA SER B 16 -8.47 32.19 23.75
C SER B 16 -8.02 33.04 24.93
N LYS B 17 -7.92 32.43 26.12
CA LYS B 17 -7.56 33.22 27.29
C LYS B 17 -6.07 33.56 27.33
N GLN B 18 -5.24 32.87 26.56
CA GLN B 18 -3.83 33.23 26.52
C GLN B 18 -3.46 34.09 25.31
N MET B 19 -4.39 34.35 24.39
CA MET B 19 -4.09 35.19 23.24
C MET B 19 -4.81 36.54 23.25
N ASP B 20 -5.82 36.73 24.10
CA ASP B 20 -6.74 37.85 23.96
C ASP B 20 -6.13 39.12 24.54
N GLY B 21 -5.59 39.97 23.67
CA GLY B 21 -5.23 41.33 24.01
C GLY B 21 -4.30 41.48 25.19
N SER B 22 -3.37 40.54 25.37
CA SER B 22 -2.47 40.60 26.52
C SER B 22 -1.13 39.97 26.15
N GLN B 23 -0.12 40.27 26.98
CA GLN B 23 1.28 39.87 26.80
C GLN B 23 1.70 40.03 25.36
N PRO B 24 2.04 41.25 24.88
CA PRO B 24 2.33 41.35 23.46
C PRO B 24 3.60 40.67 23.11
N ASP B 25 4.56 40.64 24.01
CA ASP B 25 5.73 39.84 23.68
C ASP B 25 5.40 38.35 23.81
N GLU B 26 6.27 37.54 23.21
CA GLU B 26 6.25 36.06 23.18
C GLU B 26 4.98 35.52 22.52
N TYR B 27 4.00 36.37 22.27
CA TYR B 27 2.78 36.04 21.56
C TYR B 27 2.44 37.20 20.63
N PHE B 28 2.28 36.89 19.36
CA PHE B 28 2.01 37.88 18.33
C PHE B 28 0.91 37.36 17.38
N ASN B 29 -0.34 37.57 17.82
CA ASN B 29 -1.51 37.49 16.97
C ASN B 29 -2.56 38.57 17.23
N ASN B 30 -2.63 39.10 18.45
CA ASN B 30 -3.58 40.15 18.83
C ASN B 30 -5.03 39.77 18.47
N LEU B 31 -5.36 38.51 18.73
CA LEU B 31 -6.73 38.07 18.50
C LEU B 31 -7.65 38.63 19.57
N TYR B 32 -8.70 39.33 19.13
CA TYR B 32 -9.77 39.70 20.05
C TYR B 32 -10.46 38.45 20.60
N GLY B 33 -10.40 37.37 19.83
CA GLY B 33 -10.91 36.07 20.19
C GLY B 33 -11.83 35.56 19.10
N ASN B 34 -11.46 34.47 18.46
CA ASN B 34 -12.26 33.93 17.37
C ASN B 34 -12.29 32.41 17.41
N VAL B 35 -11.29 31.81 18.07
CA VAL B 35 -11.12 30.36 18.10
C VAL B 35 -12.35 29.69 18.69
N SER B 36 -12.76 28.58 18.09
CA SER B 36 -13.92 27.82 18.53
C SER B 36 -13.85 26.43 17.91
N ARG B 37 -14.86 25.62 18.22
CA ARG B 37 -15.00 24.28 17.65
C ARG B 37 -16.35 24.04 16.99
N GLN B 38 -17.37 24.83 17.33
CA GLN B 38 -18.71 24.59 16.79
C GLN B 38 -18.77 24.92 15.30
N THR B 39 -18.16 26.03 14.91
CA THR B 39 -18.21 26.52 13.53
C THR B 39 -16.88 26.27 12.87
N TYR B 40 -16.89 25.50 11.78
CA TYR B 40 -15.71 25.21 11.00
C TYR B 40 -16.15 24.79 9.61
N LYS B 41 -15.23 24.14 8.87
CA LYS B 41 -15.36 23.59 7.52
C LYS B 41 -14.78 24.59 6.52
N PHE B 42 -15.38 25.77 6.46
CA PHE B 42 -14.99 26.89 5.61
C PHE B 42 -16.12 27.89 5.53
N GLU B 43 -17.33 27.43 5.21
CA GLU B 43 -18.50 28.30 5.25
C GLU B 43 -18.67 28.82 6.68
N GLU B 44 -19.31 29.98 6.79
CA GLU B 44 -19.19 30.87 7.95
C GLU B 44 -17.75 31.41 7.92
N ILE B 45 -17.21 31.77 9.08
CA ILE B 45 -15.87 32.34 9.18
C ILE B 45 -15.77 33.55 8.27
N ARG B 46 -16.51 34.60 8.59
CA ARG B 46 -16.35 35.86 7.89
C ARG B 46 -15.27 36.74 8.52
N GLU B 47 -14.75 36.33 9.67
CA GLU B 47 -13.62 36.98 10.31
C GLU B 47 -12.35 36.17 10.01
N PHE B 48 -11.17 36.78 10.12
CA PHE B 48 -9.97 36.07 9.69
C PHE B 48 -8.99 35.66 10.78
N PRO B 49 -7.60 35.49 10.53
CA PRO B 49 -6.76 34.89 11.51
C PRO B 49 -7.52 33.86 12.31
N TYR B 50 -8.70 33.36 11.89
CA TYR B 50 -9.54 32.45 12.65
C TYR B 50 -8.92 31.07 12.63
N VAL B 51 -8.76 30.47 13.81
CA VAL B 51 -8.21 29.14 13.95
C VAL B 51 -9.30 28.22 14.47
N ALA B 52 -9.46 27.07 13.81
CA ALA B 52 -10.48 26.10 14.15
C ALA B 52 -9.82 24.80 14.59
N VAL B 53 -10.50 24.09 15.48
CA VAL B 53 -10.03 22.81 16.00
C VAL B 53 -10.96 21.72 15.49
N HIS B 54 -10.37 20.67 14.91
CA HIS B 54 -11.10 19.47 14.53
C HIS B 54 -10.94 18.43 15.64
N ILE B 55 -11.79 17.41 15.59
CA ILE B 55 -11.73 16.31 16.53
C ILE B 55 -11.67 15.02 15.73
N GLY B 56 -10.57 14.29 15.85
CA GLY B 56 -10.33 13.16 14.98
C GLY B 56 -10.25 11.81 15.68
N THR B 57 -9.69 10.83 14.99
CA THR B 57 -9.61 9.48 15.53
C THR B 57 -8.64 9.43 16.71
N GLU B 58 -8.93 8.52 17.65
CA GLU B 58 -8.06 8.28 18.78
C GLU B 58 -7.86 6.77 18.97
N THR B 59 -6.66 6.40 19.40
CA THR B 59 -6.29 5.02 19.63
C THR B 59 -5.97 4.80 21.10
N GLY B 60 -6.44 3.69 21.64
CA GLY B 60 -6.22 3.38 23.04
C GLY B 60 -5.51 2.06 23.22
N GLN B 61 -4.72 2.00 24.29
CA GLN B 61 -4.02 0.78 24.68
C GLN B 61 -4.25 0.53 26.17
N TYR B 62 -4.28 -0.75 26.53
CA TYR B 62 -4.72 -1.17 27.86
C TYR B 62 -3.52 -1.57 28.70
N LEU B 63 -3.48 -1.07 29.94
CA LEU B 63 -2.49 -1.48 30.91
C LEU B 63 -3.13 -2.38 31.97
N PRO B 64 -2.40 -3.37 32.48
CA PRO B 64 -3.00 -4.39 33.35
C PRO B 64 -3.11 -3.97 34.82
N SER B 65 -3.49 -2.71 35.04
CA SER B 65 -3.76 -2.24 36.40
C SER B 65 -4.98 -1.33 36.45
N GLY B 66 -5.85 -1.35 35.44
CA GLY B 66 -6.93 -0.41 35.33
C GLY B 66 -6.54 0.91 34.69
N GLN B 67 -5.25 1.17 34.52
CA GLN B 67 -4.80 2.40 33.88
C GLN B 67 -5.17 2.41 32.40
N GLN B 68 -5.47 3.60 31.89
CA GLN B 68 -5.86 3.78 30.51
C GLN B 68 -5.01 4.87 29.86
N TRP B 69 -4.45 4.55 28.70
CA TRP B 69 -3.73 5.53 27.87
C TRP B 69 -4.48 5.67 26.56
N MET B 70 -4.73 6.91 26.15
CA MET B 70 -5.59 7.20 25.02
C MET B 70 -4.91 8.23 24.14
N PHE B 71 -4.26 7.78 23.07
CA PHE B 71 -3.62 8.68 22.12
C PHE B 71 -4.67 9.26 21.19
N LEU B 72 -4.87 10.56 21.27
CA LEU B 72 -5.94 11.24 20.55
C LEU B 72 -5.39 12.41 19.76
N GLU B 73 -5.99 12.64 18.59
CA GLU B 73 -5.48 13.60 17.63
C GLU B 73 -6.44 14.76 17.44
N LEU B 74 -5.90 15.97 17.40
CA LEU B 74 -6.69 17.18 17.13
C LEU B 74 -6.13 17.84 15.87
N PRO B 75 -6.69 17.58 14.69
CA PRO B 75 -6.32 18.38 13.52
C PRO B 75 -6.65 19.85 13.75
N ILE B 76 -5.74 20.72 13.32
CA ILE B 76 -5.87 22.16 13.52
C ILE B 76 -5.71 22.84 12.17
N LEU B 77 -6.59 23.81 11.89
CA LEU B 77 -6.56 24.56 10.64
C LEU B 77 -6.55 26.06 10.94
N VAL B 78 -5.82 26.81 10.12
CA VAL B 78 -5.67 28.25 10.29
C VAL B 78 -5.93 28.92 8.94
N TYR B 79 -6.74 29.97 8.94
CA TYR B 79 -7.11 30.68 7.72
C TYR B 79 -6.62 32.13 7.79
N ASP B 80 -6.00 32.59 6.71
CA ASP B 80 -5.37 33.90 6.72
C ASP B 80 -5.70 34.68 5.45
N LYS B 81 -5.70 35.99 5.58
CA LYS B 81 -5.81 36.92 4.46
C LYS B 81 -4.47 37.64 4.26
N GLU B 82 -4.36 38.44 3.20
CA GLU B 82 -3.16 39.22 2.93
C GLU B 82 -3.18 40.51 3.74
N LYS B 83 -3.15 40.36 5.06
CA LYS B 83 -2.80 41.52 5.88
C LYS B 83 -1.46 42.09 5.45
N THR B 84 -0.40 41.28 5.51
CA THR B 84 0.88 41.68 4.95
C THR B 84 1.30 40.74 3.84
N ASP B 85 1.34 39.44 4.13
CA ASP B 85 1.81 38.43 3.19
C ASP B 85 1.31 37.08 3.65
N ILE B 86 0.83 36.27 2.71
CA ILE B 86 0.15 35.02 3.07
C ILE B 86 1.12 34.04 3.74
N GLN B 87 2.30 33.84 3.15
CA GLN B 87 3.25 32.90 3.73
C GLN B 87 3.81 33.43 5.05
N GLU B 88 4.18 34.71 5.06
CA GLU B 88 4.72 35.31 6.28
C GLU B 88 3.69 35.26 7.41
N GLN B 89 2.47 35.75 7.15
CA GLN B 89 1.46 35.79 8.21
C GLN B 89 1.07 34.39 8.64
N LEU B 90 1.04 33.44 7.69
CA LEU B 90 0.70 32.07 8.03
C LEU B 90 1.75 31.45 8.97
N GLU B 91 3.03 31.70 8.68
CA GLU B 91 4.04 31.15 9.58
C GLU B 91 4.03 31.87 10.92
N LYS B 92 3.70 33.17 10.92
CA LYS B 92 3.52 33.88 12.19
C LYS B 92 2.44 33.20 13.02
N LEU B 93 1.30 32.89 12.39
CA LEU B 93 0.19 32.27 13.10
C LEU B 93 0.55 30.88 13.61
N VAL B 94 1.23 30.08 12.78
CA VAL B 94 1.53 28.71 13.21
C VAL B 94 2.57 28.73 14.32
N ALA B 95 3.55 29.63 14.25
CA ALA B 95 4.51 29.75 15.35
C ALA B 95 3.81 30.18 16.63
N ASP B 96 2.87 31.12 16.51
CA ASP B 96 2.09 31.55 17.68
C ASP B 96 1.33 30.39 18.31
N ILE B 97 0.62 29.61 17.49
CA ILE B 97 -0.20 28.54 18.05
C ILE B 97 0.67 27.43 18.62
N LYS B 98 1.79 27.11 17.96
CA LYS B 98 2.68 26.10 18.51
C LYS B 98 3.28 26.56 19.83
N THR B 99 3.64 27.84 19.92
CA THR B 99 4.17 28.37 21.17
C THR B 99 3.15 28.26 22.29
N VAL B 100 1.90 28.63 22.00
CA VAL B 100 0.88 28.59 23.05
C VAL B 100 0.57 27.14 23.44
N ILE B 101 0.77 26.19 22.52
CA ILE B 101 0.60 24.79 22.88
C ILE B 101 1.73 24.32 23.79
N ASP B 102 2.97 24.69 23.46
CA ASP B 102 4.12 24.07 24.10
C ASP B 102 4.57 24.77 25.38
N THR B 103 4.75 26.10 25.34
CA THR B 103 5.49 26.77 26.41
C THR B 103 4.76 26.71 27.74
N GLY B 104 3.43 26.65 27.74
CA GLY B 104 2.72 26.75 28.99
C GLY B 104 2.11 25.47 29.52
N GLY B 105 2.79 24.84 30.48
CA GLY B 105 2.24 23.78 31.31
C GLY B 105 1.41 22.72 30.63
N ASN B 106 0.45 22.16 31.37
CA ASN B 106 -0.55 21.27 30.83
C ASN B 106 -1.92 21.94 30.86
N LEU B 107 -2.85 21.36 30.11
CA LEU B 107 -4.17 21.96 29.94
C LEU B 107 -5.01 21.83 31.21
N GLU B 108 -5.72 22.90 31.55
CA GLU B 108 -6.85 22.76 32.45
C GLU B 108 -7.95 21.99 31.74
N TYR B 109 -8.72 21.23 32.52
CA TYR B 109 -9.50 20.14 31.96
C TYR B 109 -10.78 20.00 32.76
N THR B 110 -11.91 19.96 32.05
CA THR B 110 -13.20 20.38 32.57
C THR B 110 -14.27 19.28 32.42
N VAL B 111 -13.94 18.08 32.90
CA VAL B 111 -14.85 16.94 32.83
C VAL B 111 -16.17 17.27 33.51
N SER B 112 -17.22 16.52 33.14
CA SER B 112 -18.55 16.69 33.72
C SER B 112 -18.99 15.36 34.29
N LYS B 113 -18.97 15.23 35.61
CA LYS B 113 -19.39 14.00 36.25
C LYS B 113 -20.91 13.88 36.21
N PRO B 114 -21.42 12.67 35.97
CA PRO B 114 -22.87 12.45 35.95
C PRO B 114 -23.64 13.03 37.12
N ASN B 115 -24.54 13.97 36.82
CA ASN B 115 -25.45 14.56 37.80
C ASN B 115 -24.69 15.16 38.97
N GLY B 116 -23.51 15.70 38.69
CA GLY B 116 -22.69 16.29 39.74
C GLY B 116 -22.04 17.60 39.31
N SER B 117 -20.78 17.78 39.70
CA SER B 117 -20.03 18.98 39.38
C SER B 117 -18.78 18.61 38.60
N THR B 118 -18.05 19.63 38.17
CA THR B 118 -16.84 19.45 37.38
C THR B 118 -15.66 19.24 38.30
N PHE B 119 -14.92 18.16 38.08
CA PHE B 119 -13.68 17.88 38.80
C PHE B 119 -12.50 18.24 37.91
N PRO B 120 -11.91 19.42 38.04
CA PRO B 120 -10.80 19.80 37.16
C PRO B 120 -9.65 18.82 37.26
N CYS B 121 -9.05 18.53 36.10
CA CYS B 121 -7.94 17.58 36.01
C CYS B 121 -6.94 18.11 34.99
N GLU B 122 -6.03 17.25 34.55
CA GLU B 122 -4.97 17.64 33.63
C GLU B 122 -4.84 16.61 32.50
N ALA B 123 -4.13 17.01 31.45
CA ALA B 123 -3.81 16.14 30.34
C ALA B 123 -2.30 15.90 30.35
N THR B 124 -1.90 14.66 30.09
CA THR B 124 -0.52 14.24 30.35
C THR B 124 0.48 15.04 29.52
N ASP B 125 0.42 14.89 28.19
CA ASP B 125 1.53 15.32 27.35
C ASP B 125 1.00 15.90 26.04
N MET B 126 1.89 16.61 25.35
CA MET B 126 1.65 17.12 24.01
C MET B 126 2.74 16.67 23.06
N ILE B 127 2.33 16.16 21.90
CA ILE B 127 3.22 15.87 20.78
C ILE B 127 2.63 16.50 19.54
N ILE B 128 3.38 17.36 18.87
CA ILE B 128 2.93 18.01 17.64
C ILE B 128 3.58 17.30 16.46
N THR B 129 2.75 16.77 15.57
CA THR B 129 3.18 15.98 14.44
C THR B 129 3.36 16.92 13.24
N SER B 130 3.42 16.34 12.03
CA SER B 130 3.66 17.09 10.81
C SER B 130 2.77 18.33 10.70
N VAL B 131 3.33 19.38 10.12
CA VAL B 131 2.64 20.65 9.90
C VAL B 131 2.59 20.88 8.40
N SER B 132 1.39 21.06 7.86
CA SER B 132 1.22 21.23 6.43
C SER B 132 0.81 22.66 6.08
N THR B 133 0.75 22.95 4.79
CA THR B 133 0.44 24.28 4.29
C THR B 133 -0.36 24.16 3.00
N ASP B 134 -1.15 25.20 2.72
CA ASP B 134 -1.99 25.25 1.53
C ASP B 134 -1.12 25.31 0.28
N GLU B 135 -1.76 25.23 -0.88
CA GLU B 135 -1.10 25.30 -2.17
C GLU B 135 -1.36 26.67 -2.79
N GLY B 136 -0.90 26.85 -4.04
CA GLY B 136 -1.08 28.12 -4.72
C GLY B 136 -2.55 28.46 -4.95
N LEU B 137 -3.38 27.46 -5.16
CA LEU B 137 -4.79 27.70 -5.40
C LEU B 137 -5.44 28.34 -4.18
N LEU B 138 -6.52 29.08 -4.42
CA LEU B 138 -7.14 29.95 -3.42
C LEU B 138 -6.13 30.99 -2.92
N ALA B 139 -5.73 31.86 -3.84
CA ALA B 139 -4.74 32.89 -3.55
C ALA B 139 -5.16 33.85 -2.44
N PRO B 140 -6.35 34.47 -2.45
CA PRO B 140 -6.66 35.46 -1.41
C PRO B 140 -6.79 34.85 -0.01
N TYR B 141 -7.04 33.56 0.10
CA TYR B 141 -7.16 32.89 1.39
C TYR B 141 -5.94 32.01 1.62
N GLY B 142 -5.93 31.32 2.76
CA GLY B 142 -4.82 30.45 3.09
C GLY B 142 -5.25 29.36 4.06
N LEU B 143 -4.50 28.27 4.06
CA LEU B 143 -4.74 27.14 4.95
C LEU B 143 -3.43 26.69 5.59
N ALA B 144 -3.53 26.19 6.83
CA ALA B 144 -2.36 25.69 7.55
C ALA B 144 -2.82 24.50 8.39
N GLU B 145 -2.35 23.31 8.03
CA GLU B 145 -2.77 22.08 8.70
C GLU B 145 -1.80 21.71 9.81
N ILE B 146 -2.34 21.48 11.00
CA ILE B 146 -1.56 21.10 12.17
C ILE B 146 -2.09 19.78 12.71
N ASN B 147 -1.18 18.84 12.96
CA ASN B 147 -1.52 17.55 13.56
C ASN B 147 -0.88 17.47 14.94
N VAL B 148 -1.70 17.53 15.98
CA VAL B 148 -1.23 17.45 17.36
C VAL B 148 -1.92 16.28 18.03
N THR B 149 -1.17 15.54 18.84
CA THR B 149 -1.69 14.37 19.54
C THR B 149 -1.71 14.63 21.04
N VAL B 150 -2.81 14.25 21.68
CA VAL B 150 -2.97 14.38 23.12
C VAL B 150 -3.11 12.98 23.70
N ARG B 151 -2.57 12.78 24.91
CA ARG B 151 -2.71 11.52 25.62
C ARG B 151 -3.14 11.85 27.05
N TYR B 152 -4.21 11.21 27.50
CA TYR B 152 -4.76 11.44 28.82
C TYR B 152 -5.15 10.12 29.48
N GLN B 153 -5.13 10.12 30.80
CA GLN B 153 -5.67 9.00 31.55
C GLN B 153 -7.01 9.39 32.13
N PRO B 154 -8.10 8.83 31.64
CA PRO B 154 -9.43 9.21 32.14
C PRO B 154 -9.56 8.88 33.61
N PRO B 155 -10.27 9.71 34.38
CA PRO B 155 -10.35 9.49 35.83
C PRO B 155 -11.16 8.25 36.21
N ARG B 156 -10.73 7.09 35.75
CA ARG B 156 -11.38 5.84 36.15
C ARG B 156 -10.43 4.67 35.92
N ARG B 157 -10.76 3.56 36.56
CA ARG B 157 -10.01 2.32 36.50
C ARG B 157 -10.97 1.16 36.29
N SER B 158 -10.46 0.08 35.71
CA SER B 158 -11.30 -1.07 35.40
C SER B 158 -11.49 -1.93 36.65
N LEU B 159 -12.22 -3.04 36.48
CA LEU B 159 -12.44 -3.99 37.55
C LEU B 159 -11.17 -4.76 37.86
N MET C 1 -19.77 -23.24 17.51
CA MET C 1 -18.89 -22.15 17.91
C MET C 1 -19.41 -20.81 17.41
N ASP C 2 -18.48 -19.93 17.04
CA ASP C 2 -18.79 -18.61 16.47
C ASP C 2 -19.46 -17.71 17.51
N HIS C 3 -20.75 -17.94 17.78
CA HIS C 3 -21.53 -17.23 18.80
C HIS C 3 -21.74 -15.76 18.46
N ARG C 4 -21.44 -15.34 17.22
CA ARG C 4 -21.37 -13.92 16.90
C ARG C 4 -22.69 -13.21 17.20
N THR C 5 -23.80 -13.74 16.70
CA THR C 5 -25.10 -13.14 16.97
C THR C 5 -25.45 -13.25 18.44
N SER C 6 -25.13 -14.37 19.08
CA SER C 6 -25.40 -14.52 20.51
C SER C 6 -24.62 -13.51 21.33
N ILE C 7 -23.34 -13.31 20.98
CA ILE C 7 -22.52 -12.31 21.67
C ILE C 7 -23.13 -10.93 21.49
N ALA C 8 -23.51 -10.58 20.26
CA ALA C 8 -24.09 -9.26 20.03
C ALA C 8 -25.40 -9.09 20.79
N GLN C 9 -26.24 -10.12 20.82
CA GLN C 9 -27.52 -10.03 21.50
C GLN C 9 -27.34 -9.87 23.00
N ALA C 10 -26.41 -10.64 23.59
CA ALA C 10 -26.16 -10.49 25.02
C ALA C 10 -25.58 -9.11 25.33
N MET C 11 -24.70 -8.62 24.46
CA MET C 11 -24.13 -7.29 24.66
C MET C 11 -25.22 -6.22 24.64
N VAL C 12 -26.10 -6.26 23.64
CA VAL C 12 -27.13 -5.24 23.54
C VAL C 12 -28.17 -5.39 24.64
N ASP C 13 -28.41 -6.62 25.09
CA ASP C 13 -29.29 -6.83 26.23
C ASP C 13 -28.70 -6.22 27.50
N ARG C 14 -27.40 -6.38 27.70
CA ARG C 14 -26.75 -5.73 28.83
C ARG C 14 -26.84 -4.21 28.70
N ILE C 15 -26.67 -3.70 27.48
CA ILE C 15 -26.79 -2.25 27.26
C ILE C 15 -28.18 -1.77 27.67
N SER C 16 -29.23 -2.43 27.17
CA SER C 16 -30.59 -1.98 27.42
C SER C 16 -30.96 -2.14 28.89
N LYS C 17 -30.52 -3.23 29.52
CA LYS C 17 -30.89 -3.47 30.91
C LYS C 17 -30.13 -2.54 31.85
N GLN C 18 -28.97 -2.05 31.42
CA GLN C 18 -28.17 -1.19 32.29
C GLN C 18 -28.40 0.29 32.03
N MET C 19 -28.98 0.67 30.89
CA MET C 19 -29.19 2.08 30.58
C MET C 19 -30.55 2.62 31.01
N ASP C 20 -31.52 1.75 31.32
CA ASP C 20 -32.92 2.18 31.37
C ASP C 20 -33.33 2.60 32.78
N GLY C 21 -33.50 3.92 32.96
CA GLY C 21 -34.22 4.46 34.10
C GLY C 21 -33.72 4.02 35.46
N SER C 22 -32.42 3.77 35.60
CA SER C 22 -31.89 3.28 36.86
C SER C 22 -30.46 3.78 37.01
N GLN C 23 -29.97 3.73 38.26
CA GLN C 23 -28.66 4.21 38.68
C GLN C 23 -28.28 5.51 37.96
N PRO C 24 -28.99 6.61 38.24
CA PRO C 24 -28.67 7.86 37.55
C PRO C 24 -27.25 8.33 37.83
N ASP C 25 -26.71 8.02 38.99
CA ASP C 25 -25.32 8.32 39.26
C ASP C 25 -24.42 7.46 38.38
N GLU C 26 -23.37 8.09 37.85
CA GLU C 26 -22.34 7.46 37.05
C GLU C 26 -22.82 7.04 35.67
N TYR C 27 -24.12 7.16 35.42
CA TYR C 27 -24.72 6.64 34.20
C TYR C 27 -25.97 7.46 33.86
N PHE C 28 -25.92 8.22 32.77
CA PHE C 28 -27.12 8.99 32.40
C PHE C 28 -27.16 9.16 30.88
N ASN C 29 -27.97 8.31 30.24
CA ASN C 29 -28.60 8.63 28.96
C ASN C 29 -30.07 8.25 28.92
N ASN C 30 -30.53 7.37 29.80
CA ASN C 30 -31.94 7.06 30.00
C ASN C 30 -32.59 6.53 28.71
N LEU C 31 -31.98 5.49 28.16
CA LEU C 31 -32.57 4.76 27.06
C LEU C 31 -33.74 3.93 27.58
N TYR C 32 -34.96 4.38 27.32
CA TYR C 32 -36.13 3.64 27.78
C TYR C 32 -36.12 2.21 27.25
N GLY C 33 -35.71 2.05 25.99
CA GLY C 33 -35.53 0.77 25.34
C GLY C 33 -35.59 1.02 23.84
N ASN C 34 -34.64 0.44 23.10
CA ASN C 34 -34.44 0.89 21.73
C ASN C 34 -33.38 0.06 21.01
N VAL C 35 -32.13 0.21 21.43
CA VAL C 35 -30.97 -0.28 20.69
C VAL C 35 -31.02 -1.79 20.52
N SER C 36 -30.61 -2.27 19.34
CA SER C 36 -30.60 -3.68 19.03
C SER C 36 -29.78 -3.87 17.76
N ARG C 37 -29.65 -5.13 17.34
CA ARG C 37 -29.01 -5.47 16.08
C ARG C 37 -30.00 -5.74 14.95
N GLN C 38 -31.30 -5.80 15.24
CA GLN C 38 -32.28 -6.14 14.22
C GLN C 38 -32.39 -5.06 13.16
N THR C 39 -32.53 -3.80 13.57
CA THR C 39 -32.73 -2.68 12.67
C THR C 39 -31.55 -1.74 12.76
N TYR C 40 -30.96 -1.40 11.62
CA TYR C 40 -29.82 -0.50 11.55
C TYR C 40 -29.80 0.14 10.17
N LYS C 41 -28.63 0.71 9.82
CA LYS C 41 -28.27 1.35 8.55
C LYS C 41 -28.41 2.86 8.69
N PHE C 42 -29.65 3.34 8.79
CA PHE C 42 -30.02 4.75 8.88
C PHE C 42 -31.51 4.90 8.59
N GLU C 43 -31.97 4.28 7.49
CA GLU C 43 -33.41 4.21 7.24
C GLU C 43 -34.10 3.52 8.40
N GLU C 44 -35.29 4.03 8.76
CA GLU C 44 -35.93 3.84 10.06
C GLU C 44 -35.18 4.63 11.11
N ILE C 45 -35.14 4.12 12.35
CA ILE C 45 -34.52 4.81 13.48
C ILE C 45 -35.18 6.18 13.62
N ARG C 46 -36.48 6.18 13.92
CA ARG C 46 -37.16 7.43 14.25
C ARG C 46 -36.78 7.95 15.62
N GLU C 47 -36.29 7.07 16.50
CA GLU C 47 -35.89 7.46 17.84
C GLU C 47 -34.36 7.61 17.90
N PHE C 48 -33.87 8.63 18.56
CA PHE C 48 -32.44 8.87 18.50
C PHE C 48 -31.67 8.40 19.78
N PRO C 49 -30.70 9.16 20.35
CA PRO C 49 -29.78 8.61 21.34
C PRO C 49 -29.62 7.15 21.01
N TYR C 50 -29.80 6.67 19.79
CA TYR C 50 -29.80 5.30 19.32
C TYR C 50 -28.39 4.89 18.93
N VAL C 51 -27.95 3.74 19.46
CA VAL C 51 -26.63 3.20 19.15
C VAL C 51 -26.83 1.80 18.59
N ALA C 52 -26.12 1.50 17.50
CA ALA C 52 -26.28 0.24 16.79
C ALA C 52 -25.03 -0.61 16.95
N VAL C 53 -25.25 -1.91 17.11
CA VAL C 53 -24.17 -2.89 17.22
C VAL C 53 -24.18 -3.73 15.96
N HIS C 54 -23.15 -3.57 15.13
CA HIS C 54 -23.04 -4.29 13.88
C HIS C 54 -22.21 -5.55 14.07
N ILE C 55 -22.19 -6.40 13.06
CA ILE C 55 -21.40 -7.62 13.05
C ILE C 55 -20.39 -7.51 11.92
N GLY C 56 -19.10 -7.61 12.26
CA GLY C 56 -18.03 -7.42 11.30
C GLY C 56 -17.18 -8.67 11.13
N THR C 57 -16.12 -8.51 10.36
CA THR C 57 -15.19 -9.60 10.11
C THR C 57 -14.45 -9.98 11.39
N GLU C 58 -14.05 -11.25 11.46
CA GLU C 58 -13.36 -11.77 12.62
C GLU C 58 -11.98 -12.25 12.22
N THR C 59 -11.22 -12.72 13.21
CA THR C 59 -9.87 -13.25 12.99
C THR C 59 -9.64 -14.39 13.96
N GLY C 60 -8.96 -15.43 13.49
CA GLY C 60 -8.74 -16.59 14.31
C GLY C 60 -7.37 -17.24 14.17
N GLN C 61 -6.96 -17.99 15.19
CA GLN C 61 -5.71 -18.74 15.18
C GLN C 61 -5.89 -20.02 15.98
N TYR C 62 -4.99 -20.96 15.77
CA TYR C 62 -5.08 -22.29 16.37
C TYR C 62 -3.92 -22.51 17.34
N LEU C 63 -4.23 -23.12 18.50
CA LEU C 63 -3.20 -23.50 19.45
C LEU C 63 -3.24 -25.01 19.68
N PRO C 64 -2.07 -25.64 19.84
CA PRO C 64 -1.97 -27.11 19.80
C PRO C 64 -2.47 -27.82 21.05
N SER C 65 -3.67 -27.43 21.51
CA SER C 65 -4.34 -28.16 22.58
C SER C 65 -5.84 -28.28 22.35
N GLY C 66 -6.33 -27.95 21.15
CA GLY C 66 -7.74 -28.00 20.86
C GLY C 66 -8.50 -26.72 21.08
N GLN C 67 -7.91 -25.74 21.77
CA GLN C 67 -8.61 -24.48 22.01
C GLN C 67 -8.42 -23.53 20.84
N GLN C 68 -9.50 -22.84 20.49
CA GLN C 68 -9.51 -21.87 19.40
C GLN C 68 -9.56 -20.47 19.97
N TRP C 69 -8.72 -19.58 19.45
CA TRP C 69 -8.78 -18.16 19.77
C TRP C 69 -9.41 -17.43 18.60
N MET C 70 -10.51 -16.74 18.86
CA MET C 70 -11.28 -16.07 17.82
C MET C 70 -11.37 -14.59 18.15
N PHE C 71 -10.75 -13.76 17.33
CA PHE C 71 -10.79 -12.31 17.49
C PHE C 71 -11.96 -11.77 16.68
N LEU C 72 -12.98 -11.28 17.36
CA LEU C 72 -14.22 -10.83 16.73
C LEU C 72 -14.37 -9.32 16.92
N GLU C 73 -14.88 -8.66 15.88
CA GLU C 73 -15.00 -7.22 15.84
C GLU C 73 -16.45 -6.79 15.71
N LEU C 74 -16.86 -5.85 16.55
CA LEU C 74 -18.19 -5.28 16.49
C LEU C 74 -18.12 -3.78 16.21
N PRO C 75 -18.27 -3.37 14.94
CA PRO C 75 -18.40 -1.93 14.65
C PRO C 75 -19.67 -1.38 15.26
N ILE C 76 -19.52 -0.34 16.08
CA ILE C 76 -20.63 0.27 16.80
C ILE C 76 -20.75 1.72 16.35
N LEU C 77 -21.95 2.13 15.98
CA LEU C 77 -22.20 3.48 15.47
C LEU C 77 -23.20 4.19 16.37
N VAL C 78 -22.96 5.47 16.59
CA VAL C 78 -23.78 6.30 17.47
C VAL C 78 -24.47 7.37 16.64
N TYR C 79 -25.79 7.49 16.81
CA TYR C 79 -26.58 8.53 16.15
C TYR C 79 -27.25 9.38 17.21
N ASP C 80 -27.31 10.69 16.95
CA ASP C 80 -27.83 11.64 17.94
C ASP C 80 -28.32 12.89 17.25
N LYS C 81 -29.46 13.41 17.70
CA LYS C 81 -29.96 14.70 17.25
C LYS C 81 -29.52 15.81 18.20
N GLU C 82 -29.67 17.05 17.73
CA GLU C 82 -29.33 18.20 18.55
C GLU C 82 -30.37 18.39 19.66
N LYS C 83 -29.89 18.32 20.91
CA LYS C 83 -30.72 18.66 22.06
C LYS C 83 -30.17 19.90 22.74
N THR C 84 -28.90 19.85 23.13
CA THR C 84 -28.18 21.01 23.63
C THR C 84 -26.99 21.27 22.72
N ASP C 85 -26.25 20.21 22.42
CA ASP C 85 -25.11 20.30 21.51
C ASP C 85 -24.80 18.91 20.96
N ILE C 86 -24.49 18.83 19.66
CA ILE C 86 -24.17 17.54 19.06
C ILE C 86 -22.90 16.97 19.68
N GLN C 87 -21.89 17.81 19.89
CA GLN C 87 -20.61 17.34 20.40
C GLN C 87 -20.74 16.83 21.83
N GLU C 88 -21.38 17.62 22.71
CA GLU C 88 -21.50 17.24 24.11
C GLU C 88 -22.29 15.94 24.27
N GLN C 89 -23.46 15.88 23.63
CA GLN C 89 -24.30 14.69 23.76
C GLN C 89 -23.63 13.46 23.16
N LEU C 90 -23.03 13.61 21.99
CA LEU C 90 -22.34 12.48 21.37
C LEU C 90 -21.19 11.99 22.23
N GLU C 91 -20.40 12.92 22.78
CA GLU C 91 -19.30 12.55 23.65
C GLU C 91 -19.79 11.84 24.90
N LYS C 92 -20.88 12.31 25.49
CA LYS C 92 -21.34 11.70 26.73
C LYS C 92 -21.92 10.32 26.46
N LEU C 93 -22.62 10.15 25.34
CA LEU C 93 -23.16 8.84 24.99
C LEU C 93 -22.03 7.84 24.72
N VAL C 94 -21.01 8.26 23.97
CA VAL C 94 -19.91 7.34 23.69
C VAL C 94 -19.15 7.02 24.97
N ALA C 95 -19.03 7.99 25.89
CA ALA C 95 -18.43 7.70 27.19
C ALA C 95 -19.23 6.67 27.95
N ASP C 96 -20.56 6.79 27.94
CA ASP C 96 -21.40 5.80 28.62
C ASP C 96 -21.23 4.42 28.00
N ILE C 97 -21.20 4.33 26.68
CA ILE C 97 -20.99 3.03 26.03
C ILE C 97 -19.63 2.46 26.43
N LYS C 98 -18.59 3.31 26.45
CA LYS C 98 -17.26 2.82 26.76
C LYS C 98 -17.16 2.35 28.20
N THR C 99 -17.82 3.04 29.12
CA THR C 99 -17.80 2.59 30.51
C THR C 99 -18.66 1.34 30.69
N VAL C 100 -19.66 1.13 29.83
CA VAL C 100 -20.32 -0.19 29.82
C VAL C 100 -19.34 -1.26 29.36
N ILE C 101 -18.51 -0.94 28.37
CA ILE C 101 -17.49 -1.89 27.93
C ILE C 101 -16.52 -2.22 29.06
N ASP C 102 -16.09 -1.21 29.81
CA ASP C 102 -14.98 -1.38 30.74
C ASP C 102 -15.43 -1.76 32.15
N THR C 103 -16.18 -0.87 32.82
CA THR C 103 -16.27 -0.97 34.28
C THR C 103 -17.24 -2.05 34.74
N GLY C 104 -18.07 -2.58 33.84
CA GLY C 104 -19.07 -3.52 34.29
C GLY C 104 -18.81 -4.98 33.96
N GLY C 105 -18.33 -5.73 34.95
CA GLY C 105 -18.24 -7.17 34.88
C GLY C 105 -17.64 -7.77 33.62
N ASN C 106 -18.01 -9.00 33.31
CA ASN C 106 -17.69 -9.63 32.05
C ASN C 106 -18.94 -9.81 31.21
N LEU C 107 -18.76 -10.34 30.00
CA LEU C 107 -19.88 -10.53 29.09
C LEU C 107 -20.45 -11.93 29.22
N GLU C 108 -21.77 -12.01 29.30
CA GLU C 108 -22.49 -13.27 29.42
C GLU C 108 -22.95 -13.74 28.04
N TYR C 109 -23.29 -15.03 27.95
CA TYR C 109 -23.80 -15.62 26.72
C TYR C 109 -25.15 -16.25 26.97
N THR C 110 -25.89 -16.45 25.88
CA THR C 110 -27.15 -17.19 25.90
C THR C 110 -27.19 -18.10 24.67
N VAL C 111 -26.07 -18.79 24.41
CA VAL C 111 -26.00 -19.67 23.25
C VAL C 111 -26.84 -20.91 23.48
N SER C 112 -27.47 -21.40 22.41
CA SER C 112 -28.30 -22.58 22.44
C SER C 112 -27.55 -23.72 21.75
N LYS C 113 -27.49 -24.87 22.41
CA LYS C 113 -26.87 -26.05 21.82
C LYS C 113 -27.76 -26.60 20.71
N PRO C 114 -27.18 -27.40 19.78
CA PRO C 114 -27.98 -27.95 18.69
C PRO C 114 -29.21 -28.71 19.16
N ASN C 115 -30.39 -28.16 18.86
CA ASN C 115 -31.67 -28.78 19.24
C ASN C 115 -31.72 -29.05 20.74
N GLY C 116 -31.13 -28.17 21.52
CA GLY C 116 -31.07 -28.35 22.96
C GLY C 116 -31.48 -27.12 23.74
N SER C 117 -30.94 -26.98 24.95
CA SER C 117 -31.24 -25.86 25.83
C SER C 117 -30.10 -24.86 25.78
N THR C 118 -30.26 -23.76 26.52
CA THR C 118 -29.28 -22.69 26.54
C THR C 118 -28.50 -22.76 27.86
N PHE C 119 -27.22 -23.12 27.77
CA PHE C 119 -26.32 -23.10 28.91
C PHE C 119 -25.42 -21.89 28.82
N PRO C 120 -25.49 -20.95 29.76
CA PRO C 120 -24.74 -19.69 29.62
C PRO C 120 -23.23 -19.92 29.65
N CYS C 121 -22.53 -19.04 28.93
CA CYS C 121 -21.07 -19.04 28.91
C CYS C 121 -20.59 -17.60 29.04
N GLU C 122 -19.27 -17.42 29.04
CA GLU C 122 -18.66 -16.12 29.27
C GLU C 122 -17.74 -15.74 28.12
N ALA C 123 -17.38 -14.47 28.07
CA ALA C 123 -16.42 -13.94 27.10
C ALA C 123 -15.14 -13.61 27.85
N THR C 124 -14.00 -13.95 27.24
CA THR C 124 -12.72 -13.84 27.93
C THR C 124 -12.42 -12.38 28.29
N ASP C 125 -12.28 -11.52 27.29
CA ASP C 125 -11.87 -10.14 27.53
C ASP C 125 -12.43 -9.23 26.44
N MET C 126 -12.49 -7.95 26.77
CA MET C 126 -12.93 -6.93 25.84
C MET C 126 -11.83 -5.90 25.66
N ILE C 127 -11.54 -5.53 24.42
CA ILE C 127 -10.61 -4.46 24.09
C ILE C 127 -11.31 -3.52 23.12
N ILE C 128 -11.32 -2.24 23.45
CA ILE C 128 -11.93 -1.22 22.60
C ILE C 128 -10.82 -0.44 21.90
N THR C 129 -10.75 -0.60 20.58
CA THR C 129 -9.70 0.01 19.77
C THR C 129 -10.19 1.38 19.27
N SER C 130 -9.52 1.91 18.25
CA SER C 130 -9.81 3.23 17.73
C SER C 130 -11.30 3.47 17.53
N VAL C 131 -11.74 4.67 17.92
CA VAL C 131 -13.14 5.08 17.83
C VAL C 131 -13.17 6.49 17.23
N SER C 132 -14.06 6.70 16.26
CA SER C 132 -14.08 7.93 15.49
C SER C 132 -15.50 8.48 15.38
N THR C 133 -15.59 9.72 14.89
CA THR C 133 -16.84 10.42 14.69
C THR C 133 -16.88 11.07 13.31
N ASP C 134 -18.03 11.65 12.99
CA ASP C 134 -18.29 12.21 11.67
C ASP C 134 -17.79 13.65 11.61
N GLU C 135 -18.21 14.38 10.58
CA GLU C 135 -17.78 15.74 10.28
C GLU C 135 -19.00 16.66 10.21
N GLY C 136 -18.76 17.88 9.72
CA GLY C 136 -19.78 18.92 9.78
C GLY C 136 -21.04 18.59 9.02
N LEU C 137 -20.93 17.88 7.90
CA LEU C 137 -22.09 17.59 7.08
C LEU C 137 -23.10 16.76 7.87
N LEU C 138 -24.38 16.92 7.51
CA LEU C 138 -25.50 16.43 8.31
C LEU C 138 -25.45 17.02 9.71
N ALA C 139 -25.49 18.35 9.75
CA ALA C 139 -25.32 19.10 10.99
C ALA C 139 -26.31 18.73 12.09
N PRO C 140 -27.63 18.70 11.86
CA PRO C 140 -28.54 18.34 12.97
C PRO C 140 -28.41 16.89 13.41
N TYR C 141 -27.78 16.04 12.61
CA TYR C 141 -27.51 14.66 12.96
C TYR C 141 -26.05 14.51 13.37
N GLY C 142 -25.65 13.27 13.62
CA GLY C 142 -24.28 13.00 14.00
C GLY C 142 -23.98 11.52 13.95
N LEU C 143 -22.69 11.21 13.76
CA LEU C 143 -22.20 9.84 13.74
C LEU C 143 -21.00 9.71 14.66
N ALA C 144 -20.88 8.54 15.28
CA ALA C 144 -19.74 8.25 16.15
C ALA C 144 -19.47 6.74 16.06
N GLU C 145 -18.40 6.39 15.36
CA GLU C 145 -18.03 4.99 15.17
C GLU C 145 -17.28 4.47 16.37
N ILE C 146 -17.63 3.26 16.80
CA ILE C 146 -16.94 2.58 17.89
C ILE C 146 -16.52 1.20 17.41
N ASN C 147 -15.23 0.92 17.47
CA ASN C 147 -14.68 -0.38 17.08
C ASN C 147 -14.26 -1.11 18.35
N VAL C 148 -14.97 -2.16 18.69
CA VAL C 148 -14.66 -2.95 19.89
C VAL C 148 -14.34 -4.37 19.46
N THR C 149 -13.36 -4.96 20.13
CA THR C 149 -12.92 -6.32 19.85
C THR C 149 -13.25 -7.22 21.04
N VAL C 150 -13.73 -8.42 20.74
CA VAL C 150 -14.09 -9.40 21.76
C VAL C 150 -13.31 -10.68 21.50
N ARG C 151 -12.61 -11.16 22.53
CA ARG C 151 -11.87 -12.41 22.47
C ARG C 151 -12.69 -13.45 23.21
N TYR C 152 -13.10 -14.50 22.50
CA TYR C 152 -13.87 -15.57 23.10
C TYR C 152 -13.25 -16.92 22.80
N GLN C 153 -13.26 -17.79 23.81
CA GLN C 153 -12.84 -19.18 23.64
C GLN C 153 -14.07 -20.02 23.34
N PRO C 154 -14.30 -20.40 22.08
CA PRO C 154 -15.47 -21.21 21.78
C PRO C 154 -15.37 -22.57 22.41
N PRO C 155 -16.50 -23.24 22.65
CA PRO C 155 -16.42 -24.59 23.22
C PRO C 155 -15.58 -25.50 22.35
N ARG C 156 -14.66 -26.21 22.99
CA ARG C 156 -13.68 -27.02 22.27
C ARG C 156 -14.35 -28.26 21.70
N ARG C 157 -15.05 -28.11 20.57
CA ARG C 157 -15.72 -29.26 19.97
C ARG C 157 -14.73 -30.11 19.19
N SER C 158 -13.63 -30.46 19.85
CA SER C 158 -12.67 -31.43 19.37
C SER C 158 -12.38 -32.37 20.54
N LEU C 159 -11.72 -33.50 20.23
CA LEU C 159 -11.42 -34.58 21.16
C LEU C 159 -12.68 -35.32 21.60
N ARG C 160 -13.86 -34.87 21.18
CA ARG C 160 -15.12 -35.57 21.42
C ARG C 160 -15.89 -35.49 20.09
N ARG C 161 -15.67 -36.48 19.24
CA ARG C 161 -16.16 -36.44 17.87
C ARG C 161 -17.63 -36.85 17.79
N MET D 1 -0.33 -33.81 -9.26
CA MET D 1 -0.45 -32.75 -8.26
C MET D 1 -1.65 -31.85 -8.54
N ASP D 2 -1.62 -30.65 -7.96
CA ASP D 2 -2.76 -29.72 -8.02
C ASP D 2 -3.97 -30.33 -7.33
N HIS D 3 -4.73 -31.14 -8.07
CA HIS D 3 -5.83 -31.93 -7.51
C HIS D 3 -6.89 -31.07 -6.86
N ARG D 4 -7.24 -29.95 -7.49
CA ARG D 4 -7.96 -28.87 -6.81
C ARG D 4 -9.46 -29.12 -6.83
N THR D 5 -10.02 -29.40 -8.02
CA THR D 5 -11.43 -29.73 -8.11
C THR D 5 -11.75 -30.99 -7.31
N SER D 6 -10.76 -31.88 -7.14
CA SER D 6 -10.95 -33.01 -6.25
C SER D 6 -11.07 -32.58 -4.80
N ILE D 7 -10.28 -31.60 -4.36
CA ILE D 7 -10.46 -31.03 -3.03
C ILE D 7 -11.87 -30.48 -2.88
N ALA D 8 -12.33 -29.72 -3.87
CA ALA D 8 -13.67 -29.13 -3.79
C ALA D 8 -14.74 -30.20 -3.71
N GLN D 9 -14.67 -31.22 -4.57
CA GLN D 9 -15.69 -32.26 -4.57
C GLN D 9 -15.63 -33.10 -3.30
N ALA D 10 -14.44 -33.34 -2.77
CA ALA D 10 -14.33 -34.07 -1.51
C ALA D 10 -14.98 -33.30 -0.38
N MET D 11 -14.76 -31.98 -0.33
CA MET D 11 -15.39 -31.17 0.70
C MET D 11 -16.91 -31.19 0.55
N VAL D 12 -17.39 -31.07 -0.70
CA VAL D 12 -18.83 -31.08 -0.93
C VAL D 12 -19.44 -32.41 -0.51
N ASP D 13 -18.80 -33.52 -0.87
CA ASP D 13 -19.32 -34.83 -0.49
C ASP D 13 -19.29 -35.02 1.02
N ARG D 14 -18.24 -34.54 1.68
CA ARG D 14 -18.16 -34.64 3.13
C ARG D 14 -19.30 -33.88 3.79
N ILE D 15 -19.54 -32.65 3.34
CA ILE D 15 -20.64 -31.86 3.90
C ILE D 15 -21.98 -32.55 3.63
N SER D 16 -22.18 -33.05 2.42
CA SER D 16 -23.44 -33.72 2.10
C SER D 16 -23.67 -34.92 3.00
N LYS D 17 -22.64 -35.76 3.18
CA LYS D 17 -22.81 -36.97 3.98
C LYS D 17 -22.94 -36.67 5.47
N GLN D 18 -22.39 -35.54 5.92
CA GLN D 18 -22.48 -35.23 7.35
C GLN D 18 -23.51 -34.15 7.68
N MET D 19 -24.36 -33.76 6.72
CA MET D 19 -25.45 -32.81 7.00
C MET D 19 -26.85 -33.36 6.78
N ASP D 20 -27.01 -34.41 5.97
CA ASP D 20 -28.31 -34.78 5.43
C ASP D 20 -29.10 -35.65 6.41
N GLY D 21 -30.22 -35.11 6.90
CA GLY D 21 -31.26 -35.88 7.54
C GLY D 21 -30.82 -36.89 8.59
N SER D 22 -29.60 -36.68 9.09
CA SER D 22 -29.01 -37.63 10.03
C SER D 22 -28.00 -36.95 10.87
N GLN D 23 -27.57 -37.56 11.96
CA GLN D 23 -26.70 -36.90 12.92
C GLN D 23 -27.19 -35.53 13.44
N PRO D 24 -28.51 -35.35 13.66
CA PRO D 24 -28.92 -34.05 14.14
C PRO D 24 -28.51 -33.93 15.55
N ASP D 25 -28.42 -32.72 16.08
CA ASP D 25 -27.93 -32.44 17.45
C ASP D 25 -26.46 -32.22 17.37
N GLU D 26 -25.79 -32.89 16.48
CA GLU D 26 -24.39 -32.57 16.29
C GLU D 26 -24.25 -31.25 15.60
N TYR D 27 -25.06 -31.03 14.57
CA TYR D 27 -25.06 -29.78 13.93
C TYR D 27 -26.41 -29.40 13.42
N PHE D 28 -26.77 -28.13 13.35
CA PHE D 28 -28.14 -27.81 12.95
C PHE D 28 -28.50 -27.28 11.60
N ASN D 29 -28.95 -28.10 10.67
CA ASN D 29 -29.35 -27.55 9.40
C ASN D 29 -30.34 -28.31 8.55
N ASN D 30 -30.77 -29.50 8.94
CA ASN D 30 -31.71 -30.34 8.20
C ASN D 30 -31.61 -30.10 6.70
N LEU D 31 -30.37 -29.95 6.25
CA LEU D 31 -30.08 -29.68 4.84
C LEU D 31 -30.11 -30.99 4.07
N TYR D 32 -31.17 -31.20 3.28
CA TYR D 32 -31.30 -32.45 2.52
C TYR D 32 -30.13 -32.62 1.56
N GLY D 33 -29.89 -31.63 0.72
CA GLY D 33 -28.63 -31.46 0.04
C GLY D 33 -28.72 -30.27 -0.89
N ASN D 34 -27.76 -29.34 -0.77
CA ASN D 34 -27.77 -28.16 -1.64
C ASN D 34 -26.37 -27.81 -2.07
N VAL D 35 -25.37 -28.26 -1.30
CA VAL D 35 -23.97 -27.90 -1.52
C VAL D 35 -23.48 -28.45 -2.85
N SER D 36 -22.72 -27.64 -3.57
CA SER D 36 -22.14 -28.03 -4.86
C SER D 36 -21.05 -27.04 -5.22
N ARG D 37 -20.33 -27.35 -6.29
CA ARG D 37 -19.32 -26.46 -6.84
C ARG D 37 -19.62 -26.03 -8.27
N GLN D 38 -20.47 -26.76 -8.99
CA GLN D 38 -20.77 -26.41 -10.38
C GLN D 38 -21.58 -25.13 -10.46
N THR D 39 -22.61 -25.00 -9.62
CA THR D 39 -23.54 -23.88 -9.67
C THR D 39 -23.26 -22.94 -8.51
N TYR D 40 -22.82 -21.73 -8.84
CA TYR D 40 -22.61 -20.66 -7.87
C TYR D 40 -22.87 -19.34 -8.57
N LYS D 41 -22.33 -18.25 -7.97
CA LYS D 41 -22.42 -16.85 -8.36
C LYS D 41 -23.46 -16.15 -7.49
N PHE D 42 -24.71 -16.58 -7.66
CA PHE D 42 -25.91 -16.02 -7.03
C PHE D 42 -27.13 -16.48 -7.82
N GLU D 43 -27.11 -16.25 -9.14
CA GLU D 43 -28.15 -16.77 -10.00
C GLU D 43 -28.19 -18.29 -9.89
N GLU D 44 -29.32 -18.88 -10.27
CA GLU D 44 -29.74 -20.22 -9.84
C GLU D 44 -30.04 -20.10 -8.34
N ILE D 45 -29.91 -21.20 -7.60
CA ILE D 45 -30.13 -21.22 -6.16
C ILE D 45 -31.55 -20.73 -5.87
N ARG D 46 -32.54 -21.51 -6.28
CA ARG D 46 -33.92 -21.19 -5.95
C ARG D 46 -34.26 -21.49 -4.50
N GLU D 47 -33.42 -22.38 -3.94
CA GLU D 47 -33.66 -22.83 -2.60
C GLU D 47 -32.74 -22.12 -1.71
N PHE D 48 -33.00 -22.16 -0.42
CA PHE D 48 -32.07 -21.46 0.41
C PHE D 48 -31.18 -22.31 1.29
N PRO D 49 -30.89 -21.89 2.54
CA PRO D 49 -29.81 -22.53 3.24
C PRO D 49 -28.68 -22.93 2.29
N TYR D 50 -28.69 -22.64 0.98
CA TYR D 50 -27.56 -22.90 0.09
C TYR D 50 -26.22 -22.60 0.75
N VAL D 51 -25.27 -23.50 0.54
CA VAL D 51 -23.86 -23.28 0.84
C VAL D 51 -23.06 -23.60 -0.41
N ALA D 52 -22.12 -22.71 -0.75
CA ALA D 52 -21.37 -22.83 -1.99
C ALA D 52 -19.87 -22.87 -1.67
N VAL D 53 -19.14 -23.55 -2.55
CA VAL D 53 -17.69 -23.67 -2.43
C VAL D 53 -17.06 -23.02 -3.65
N HIS D 54 -16.14 -22.09 -3.42
CA HIS D 54 -15.38 -21.47 -4.49
C HIS D 54 -14.03 -22.15 -4.64
N ILE D 55 -13.36 -21.90 -5.75
CA ILE D 55 -12.04 -22.45 -6.03
C ILE D 55 -11.10 -21.29 -6.23
N GLY D 56 -10.11 -21.16 -5.34
CA GLY D 56 -9.31 -19.95 -5.29
C GLY D 56 -7.82 -20.15 -5.44
N THR D 57 -7.06 -19.08 -5.19
CA THR D 57 -5.62 -19.11 -5.35
C THR D 57 -4.95 -20.01 -4.31
N GLU D 58 -3.96 -20.77 -4.76
CA GLU D 58 -3.15 -21.59 -3.89
C GLU D 58 -1.68 -21.18 -4.00
N THR D 59 -0.92 -21.45 -2.95
CA THR D 59 0.51 -21.19 -2.93
C THR D 59 1.23 -22.49 -2.57
N GLY D 60 2.42 -22.67 -3.13
CA GLY D 60 3.18 -23.88 -2.91
C GLY D 60 4.55 -23.60 -2.34
N GLN D 61 5.10 -24.61 -1.67
CA GLN D 61 6.45 -24.58 -1.14
C GLN D 61 7.17 -25.86 -1.53
N TYR D 62 8.49 -25.74 -1.71
CA TYR D 62 9.31 -26.86 -2.18
C TYR D 62 10.28 -27.25 -1.08
N LEU D 63 10.30 -28.53 -0.73
CA LEU D 63 11.18 -29.10 0.27
C LEU D 63 12.25 -29.95 -0.41
N PRO D 64 13.49 -29.91 0.10
CA PRO D 64 14.62 -30.54 -0.59
C PRO D 64 14.69 -32.06 -0.41
N SER D 65 13.54 -32.71 -0.45
CA SER D 65 13.50 -34.17 -0.43
C SER D 65 12.46 -34.73 -1.40
N GLY D 66 12.01 -33.94 -2.38
CA GLY D 66 10.90 -34.30 -3.22
C GLY D 66 9.54 -34.03 -2.62
N GLN D 67 9.49 -33.65 -1.35
CA GLN D 67 8.23 -33.37 -0.69
C GLN D 67 7.60 -32.09 -1.22
N GLN D 68 6.27 -32.06 -1.24
CA GLN D 68 5.51 -30.95 -1.79
C GLN D 68 4.46 -30.49 -0.80
N TRP D 69 4.43 -29.19 -0.51
CA TRP D 69 3.37 -28.60 0.31
C TRP D 69 2.65 -27.54 -0.51
N MET D 70 1.33 -27.49 -0.38
CA MET D 70 0.50 -26.60 -1.17
C MET D 70 -0.49 -25.90 -0.26
N PHE D 71 -0.33 -24.59 -0.10
CA PHE D 71 -1.25 -23.77 0.67
C PHE D 71 -2.38 -23.33 -0.24
N LEU D 72 -3.54 -23.97 -0.11
CA LEU D 72 -4.67 -23.74 -1.01
C LEU D 72 -5.85 -23.13 -0.25
N GLU D 73 -6.57 -22.25 -0.92
CA GLU D 73 -7.66 -21.49 -0.32
C GLU D 73 -8.99 -21.82 -0.97
N LEU D 74 -9.99 -22.10 -0.16
CA LEU D 74 -11.36 -22.35 -0.61
C LEU D 74 -12.33 -21.38 0.04
N PRO D 75 -12.61 -20.24 -0.57
CA PRO D 75 -13.69 -19.38 -0.06
C PRO D 75 -15.01 -20.10 -0.09
N ILE D 76 -15.82 -19.87 0.94
CA ILE D 76 -17.10 -20.54 1.11
C ILE D 76 -18.18 -19.48 1.33
N LEU D 77 -19.33 -19.65 0.69
CA LEU D 77 -20.45 -18.72 0.81
C LEU D 77 -21.69 -19.47 1.29
N VAL D 78 -22.50 -18.80 2.09
CA VAL D 78 -23.76 -19.36 2.60
C VAL D 78 -24.87 -18.33 2.40
N TYR D 79 -26.03 -18.81 1.96
CA TYR D 79 -27.19 -17.99 1.69
C TYR D 79 -28.36 -18.44 2.55
N ASP D 80 -29.20 -17.48 2.95
CA ASP D 80 -30.33 -17.79 3.83
C ASP D 80 -31.49 -16.88 3.49
N LYS D 81 -32.70 -17.33 3.87
CA LYS D 81 -33.95 -16.66 3.50
C LYS D 81 -34.87 -16.60 4.74
N GLU D 82 -34.34 -16.07 5.84
CA GLU D 82 -35.11 -15.83 7.06
C GLU D 82 -35.67 -17.10 7.69
N LYS D 83 -37.00 -17.10 7.85
CA LYS D 83 -37.80 -18.06 8.63
C LYS D 83 -37.66 -17.79 10.12
N THR D 84 -36.69 -16.94 10.48
CA THR D 84 -36.52 -16.42 11.85
C THR D 84 -35.84 -15.06 11.77
N ASP D 85 -34.52 -15.05 11.94
CA ASP D 85 -33.71 -13.84 11.90
C ASP D 85 -32.50 -14.08 11.00
N ILE D 86 -32.08 -13.05 10.27
CA ILE D 86 -30.94 -13.18 9.36
C ILE D 86 -29.67 -13.49 10.13
N GLN D 87 -29.37 -12.69 11.15
CA GLN D 87 -28.14 -12.90 11.91
C GLN D 87 -28.17 -14.25 12.65
N GLU D 88 -29.31 -14.58 13.24
CA GLU D 88 -29.41 -15.80 14.02
C GLU D 88 -29.20 -17.04 13.15
N GLN D 89 -29.96 -17.14 12.06
CA GLN D 89 -29.81 -18.30 11.17
C GLN D 89 -28.47 -18.30 10.47
N LEU D 90 -27.92 -17.12 10.18
CA LEU D 90 -26.63 -17.07 9.51
C LEU D 90 -25.53 -17.59 10.41
N GLU D 91 -25.56 -17.22 11.69
CA GLU D 91 -24.55 -17.74 12.61
C GLU D 91 -24.81 -19.21 12.90
N LYS D 92 -26.09 -19.61 12.88
CA LYS D 92 -26.43 -21.03 12.90
C LYS D 92 -25.70 -21.80 11.80
N LEU D 93 -25.80 -21.30 10.57
CA LEU D 93 -25.19 -21.98 9.43
C LEU D 93 -23.67 -21.99 9.52
N VAL D 94 -23.07 -20.86 9.90
CA VAL D 94 -21.62 -20.82 9.95
C VAL D 94 -21.09 -21.70 11.08
N ALA D 95 -21.80 -21.77 12.20
CA ALA D 95 -21.42 -22.71 13.25
C ALA D 95 -21.52 -24.14 12.76
N ASP D 96 -22.58 -24.47 12.02
CA ASP D 96 -22.70 -25.80 11.44
C ASP D 96 -21.50 -26.13 10.55
N ILE D 97 -21.13 -25.20 9.67
CA ILE D 97 -20.08 -25.50 8.71
C ILE D 97 -18.72 -25.57 9.41
N LYS D 98 -18.47 -24.70 10.39
CA LYS D 98 -17.21 -24.79 11.11
C LYS D 98 -17.11 -26.08 11.89
N THR D 99 -18.22 -26.53 12.48
CA THR D 99 -18.21 -27.81 13.18
C THR D 99 -17.94 -28.95 12.22
N VAL D 100 -18.59 -28.95 11.05
CA VAL D 100 -18.40 -30.06 10.12
C VAL D 100 -16.99 -30.05 9.56
N ILE D 101 -16.35 -28.89 9.47
CA ILE D 101 -14.95 -28.85 9.07
C ILE D 101 -14.04 -29.38 10.18
N ASP D 102 -14.29 -29.00 11.42
CA ASP D 102 -13.29 -29.22 12.46
C ASP D 102 -13.44 -30.55 13.18
N THR D 103 -14.66 -30.93 13.58
CA THR D 103 -14.81 -32.01 14.55
C THR D 103 -14.38 -33.36 13.97
N GLY D 104 -14.56 -33.58 12.67
CA GLY D 104 -14.31 -34.90 12.15
C GLY D 104 -13.08 -35.08 11.29
N GLY D 105 -12.02 -35.62 11.89
CA GLY D 105 -10.88 -36.17 11.17
C GLY D 105 -10.26 -35.31 10.09
N ASN D 106 -9.55 -35.96 9.17
CA ASN D 106 -9.08 -35.34 7.94
C ASN D 106 -9.98 -35.75 6.78
N LEU D 107 -9.72 -35.17 5.61
CA LEU D 107 -10.59 -35.39 4.47
C LEU D 107 -10.38 -36.77 3.87
N GLU D 108 -11.47 -37.49 3.65
CA GLU D 108 -11.45 -38.59 2.70
C GLU D 108 -11.37 -38.01 1.30
N TYR D 109 -10.64 -38.69 0.42
CA TYR D 109 -10.23 -38.03 -0.82
C TYR D 109 -10.34 -39.01 -1.98
N THR D 110 -10.57 -38.46 -3.18
CA THR D 110 -10.92 -39.26 -4.35
C THR D 110 -10.12 -38.81 -5.58
N VAL D 111 -8.80 -38.67 -5.42
CA VAL D 111 -7.95 -38.30 -6.54
C VAL D 111 -8.04 -39.36 -7.63
N SER D 112 -7.83 -38.94 -8.88
CA SER D 112 -7.96 -39.80 -10.06
C SER D 112 -6.60 -40.01 -10.68
N LYS D 113 -6.23 -41.27 -10.88
CA LYS D 113 -4.96 -41.60 -11.50
C LYS D 113 -5.09 -41.61 -13.03
N PRO D 114 -3.98 -41.42 -13.74
CA PRO D 114 -4.02 -41.40 -15.21
C PRO D 114 -4.53 -42.69 -15.83
N ASN D 115 -5.70 -42.62 -16.48
CA ASN D 115 -6.27 -43.75 -17.23
C ASN D 115 -6.37 -45.00 -16.37
N GLY D 116 -6.53 -44.81 -15.07
CA GLY D 116 -6.61 -45.93 -14.15
C GLY D 116 -7.75 -45.83 -13.17
N SER D 117 -7.50 -46.20 -11.92
CA SER D 117 -8.51 -46.18 -10.88
C SER D 117 -8.16 -45.10 -9.86
N THR D 118 -9.11 -44.81 -8.97
CA THR D 118 -8.95 -43.79 -7.95
C THR D 118 -8.22 -44.38 -6.75
N PHE D 119 -7.12 -43.75 -6.36
CA PHE D 119 -6.40 -44.12 -5.15
C PHE D 119 -6.77 -43.17 -4.04
N PRO D 120 -7.68 -43.53 -3.13
CA PRO D 120 -8.05 -42.61 -2.05
C PRO D 120 -6.85 -42.23 -1.21
N CYS D 121 -6.81 -40.95 -0.81
CA CYS D 121 -5.67 -40.39 -0.11
C CYS D 121 -6.19 -39.50 1.01
N GLU D 122 -5.29 -38.69 1.57
CA GLU D 122 -5.58 -37.87 2.73
C GLU D 122 -5.15 -36.43 2.48
N ALA D 123 -5.76 -35.51 3.22
CA ALA D 123 -5.38 -34.11 3.23
C ALA D 123 -4.82 -33.79 4.60
N THR D 124 -3.68 -33.11 4.65
CA THR D 124 -2.93 -32.97 5.90
C THR D 124 -3.74 -32.21 6.94
N ASP D 125 -4.08 -30.97 6.67
CA ASP D 125 -4.70 -30.14 7.69
C ASP D 125 -5.59 -29.08 7.05
N MET D 126 -6.50 -28.54 7.87
CA MET D 126 -7.35 -27.43 7.49
C MET D 126 -7.23 -26.33 8.54
N ILE D 127 -7.10 -25.09 8.10
CA ILE D 127 -7.17 -23.92 8.97
C ILE D 127 -8.23 -22.99 8.41
N ILE D 128 -9.17 -22.59 9.27
CA ILE D 128 -10.24 -21.67 8.87
C ILE D 128 -9.88 -20.29 9.41
N THR D 129 -9.56 -19.38 8.50
CA THR D 129 -9.18 -18.02 8.84
C THR D 129 -10.43 -17.14 8.84
N SER D 130 -10.24 -15.81 8.76
CA SER D 130 -11.29 -14.80 8.91
C SER D 130 -12.62 -15.23 8.30
N VAL D 131 -13.70 -14.97 9.05
CA VAL D 131 -15.07 -15.20 8.62
C VAL D 131 -15.77 -13.84 8.57
N SER D 132 -16.40 -13.54 7.45
CA SER D 132 -17.03 -12.25 7.25
C SER D 132 -18.55 -12.37 7.21
N THR D 133 -19.21 -11.21 7.19
CA THR D 133 -20.65 -11.10 7.12
C THR D 133 -21.03 -9.98 6.16
N ASP D 134 -22.22 -10.07 5.60
CA ASP D 134 -22.67 -9.12 4.59
C ASP D 134 -23.05 -7.78 5.24
N GLU D 135 -23.57 -6.86 4.43
CA GLU D 135 -24.04 -5.56 4.87
C GLU D 135 -25.56 -5.58 4.88
N GLY D 136 -26.15 -4.52 5.46
CA GLY D 136 -27.60 -4.48 5.62
C GLY D 136 -28.35 -4.54 4.30
N LEU D 137 -27.70 -4.15 3.21
CA LEU D 137 -28.35 -4.19 1.90
C LEU D 137 -28.67 -5.64 1.54
N LEU D 138 -29.71 -5.80 0.72
CA LEU D 138 -30.29 -7.11 0.39
C LEU D 138 -30.82 -7.79 1.65
N ALA D 139 -31.80 -7.13 2.26
CA ALA D 139 -32.38 -7.62 3.52
C ALA D 139 -32.99 -9.01 3.40
N PRO D 140 -33.85 -9.32 2.43
CA PRO D 140 -34.47 -10.66 2.41
C PRO D 140 -33.48 -11.78 2.16
N TYR D 141 -32.28 -11.50 1.67
CA TYR D 141 -31.26 -12.52 1.48
C TYR D 141 -30.11 -12.28 2.46
N GLY D 142 -29.07 -13.08 2.34
CA GLY D 142 -27.95 -12.99 3.27
C GLY D 142 -26.69 -13.56 2.67
N LEU D 143 -25.55 -13.11 3.20
CA LEU D 143 -24.24 -13.56 2.78
C LEU D 143 -23.31 -13.63 4.00
N ALA D 144 -22.37 -14.59 3.95
CA ALA D 144 -21.34 -14.69 4.97
C ALA D 144 -20.12 -15.35 4.33
N GLU D 145 -19.01 -14.62 4.30
CA GLU D 145 -17.80 -15.12 3.67
C GLU D 145 -17.04 -16.03 4.62
N ILE D 146 -16.66 -17.20 4.12
CA ILE D 146 -15.87 -18.17 4.88
C ILE D 146 -14.57 -18.39 4.12
N ASN D 147 -13.45 -18.23 4.81
CA ASN D 147 -12.13 -18.41 4.22
C ASN D 147 -11.42 -19.54 4.96
N VAL D 148 -11.06 -20.59 4.23
CA VAL D 148 -10.36 -21.74 4.81
C VAL D 148 -9.13 -22.03 3.96
N THR D 149 -8.18 -22.72 4.59
CA THR D 149 -6.97 -23.18 3.92
C THR D 149 -6.82 -24.67 4.14
N VAL D 150 -6.47 -25.39 3.07
CA VAL D 150 -6.27 -26.83 3.13
C VAL D 150 -4.82 -27.13 2.78
N ARG D 151 -4.20 -28.00 3.57
CA ARG D 151 -2.80 -28.39 3.40
C ARG D 151 -2.80 -29.83 2.88
N TYR D 152 -2.17 -30.06 1.74
CA TYR D 152 -2.10 -31.39 1.16
C TYR D 152 -0.77 -31.60 0.45
N GLN D 153 -0.22 -32.79 0.62
CA GLN D 153 0.95 -33.22 -0.12
C GLN D 153 0.53 -34.13 -1.27
N PRO D 154 0.69 -33.71 -2.51
CA PRO D 154 0.25 -34.53 -3.64
C PRO D 154 1.05 -35.83 -3.70
N PRO D 155 0.41 -36.93 -4.08
CA PRO D 155 1.10 -38.22 -4.06
C PRO D 155 2.19 -38.36 -5.12
N ARG D 156 3.21 -37.53 -5.03
CA ARG D 156 4.35 -37.63 -5.95
C ARG D 156 5.56 -36.91 -5.35
N ARG D 157 6.73 -37.25 -5.90
CA ARG D 157 8.00 -36.68 -5.49
C ARG D 157 8.77 -36.28 -6.74
N SER D 158 9.70 -35.33 -6.58
CA SER D 158 10.49 -34.85 -7.69
C SER D 158 11.63 -35.81 -8.00
N LEU D 159 12.45 -35.44 -8.98
CA LEU D 159 13.62 -36.23 -9.35
C LEU D 159 14.71 -36.11 -8.29
N MET E 1 22.90 -13.49 -24.38
CA MET E 1 22.71 -13.58 -22.94
C MET E 1 21.20 -13.48 -22.72
N ASP E 2 20.74 -13.39 -21.47
CA ASP E 2 19.32 -13.27 -21.15
C ASP E 2 18.58 -14.57 -21.48
N HIS E 3 18.44 -14.87 -22.77
CA HIS E 3 18.05 -16.21 -23.23
C HIS E 3 16.60 -16.54 -22.90
N ARG E 4 15.85 -15.56 -22.41
CA ARG E 4 14.51 -15.78 -21.91
C ARG E 4 13.57 -16.26 -23.03
N THR E 5 13.71 -15.70 -24.23
CA THR E 5 12.95 -16.23 -25.38
C THR E 5 13.35 -17.66 -25.70
N SER E 6 14.63 -18.00 -25.61
CA SER E 6 15.08 -19.36 -25.87
C SER E 6 14.58 -20.31 -24.78
N ILE E 7 14.53 -19.83 -23.53
CA ILE E 7 13.95 -20.62 -22.46
C ILE E 7 12.50 -20.95 -22.76
N ALA E 8 11.74 -19.94 -23.19
CA ALA E 8 10.33 -20.16 -23.53
C ALA E 8 10.20 -21.15 -24.68
N GLN E 9 11.04 -20.99 -25.72
CA GLN E 9 10.96 -21.89 -26.87
C GLN E 9 11.29 -23.32 -26.49
N ALA E 10 12.33 -23.52 -25.68
CA ALA E 10 12.69 -24.87 -25.27
C ALA E 10 11.62 -25.48 -24.39
N MET E 11 11.02 -24.69 -23.50
CA MET E 11 9.97 -25.23 -22.64
C MET E 11 8.75 -25.63 -23.44
N VAL E 12 8.34 -24.81 -24.41
CA VAL E 12 7.19 -25.16 -25.21
C VAL E 12 7.48 -26.37 -26.09
N ASP E 13 8.72 -26.47 -26.60
CA ASP E 13 9.09 -27.66 -27.36
C ASP E 13 9.02 -28.91 -26.50
N ARG E 14 9.50 -28.82 -25.25
CA ARG E 14 9.41 -29.96 -24.34
C ARG E 14 7.96 -30.34 -24.08
N ILE E 15 7.10 -29.34 -23.89
CA ILE E 15 5.68 -29.61 -23.68
C ILE E 15 5.10 -30.36 -24.87
N SER E 16 5.37 -29.86 -26.08
CA SER E 16 4.83 -30.49 -27.29
C SER E 16 5.35 -31.91 -27.44
N LYS E 17 6.63 -32.13 -27.19
CA LYS E 17 7.22 -33.45 -27.40
C LYS E 17 6.77 -34.43 -26.32
N GLN E 18 6.37 -33.92 -25.15
CA GLN E 18 6.07 -34.81 -24.04
C GLN E 18 4.57 -35.01 -23.84
N MET E 19 3.72 -34.24 -24.54
CA MET E 19 2.28 -34.44 -24.46
C MET E 19 1.67 -35.13 -25.68
N ASP E 20 2.41 -35.31 -26.76
CA ASP E 20 1.82 -35.70 -28.04
C ASP E 20 1.69 -37.21 -28.17
N GLY E 21 0.49 -37.71 -27.92
CA GLY E 21 0.11 -39.09 -28.23
C GLY E 21 1.07 -40.15 -27.77
N SER E 22 1.86 -39.87 -26.73
CA SER E 22 2.84 -40.83 -26.24
C SER E 22 2.78 -40.83 -24.72
N GLN E 23 3.27 -41.93 -24.14
CA GLN E 23 3.20 -42.16 -22.70
C GLN E 23 1.75 -42.01 -22.24
N PRO E 24 0.87 -42.93 -22.62
CA PRO E 24 -0.54 -42.79 -22.21
C PRO E 24 -0.74 -42.83 -20.71
N ASP E 25 0.22 -43.37 -19.96
CA ASP E 25 0.19 -43.30 -18.51
C ASP E 25 0.86 -42.01 -18.04
N GLU E 26 0.41 -41.53 -16.89
CA GLU E 26 0.98 -40.39 -16.18
C GLU E 26 0.72 -39.07 -16.88
N TYR E 27 0.16 -39.12 -18.09
CA TYR E 27 -0.09 -37.95 -18.93
C TYR E 27 -1.43 -38.15 -19.63
N PHE E 28 -2.38 -37.22 -19.41
CA PHE E 28 -3.67 -37.30 -20.10
C PHE E 28 -4.12 -35.90 -20.56
N ASN E 29 -3.63 -35.49 -21.71
CA ASN E 29 -4.30 -34.47 -22.52
C ASN E 29 -4.29 -34.75 -24.02
N ASN E 30 -3.32 -35.53 -24.52
CA ASN E 30 -3.20 -35.90 -25.92
C ASN E 30 -3.23 -34.66 -26.82
N LEU E 31 -2.37 -33.69 -26.50
CA LEU E 31 -2.16 -32.56 -27.39
C LEU E 31 -1.49 -33.07 -28.66
N TYR E 32 -2.25 -33.13 -29.76
CA TYR E 32 -1.65 -33.48 -31.04
C TYR E 32 -0.51 -32.52 -31.37
N GLY E 33 -0.78 -31.23 -31.24
CA GLY E 33 0.19 -30.21 -30.88
C GLY E 33 -0.48 -28.88 -31.00
N ASN E 34 -0.45 -28.10 -29.92
CA ASN E 34 -1.16 -26.82 -29.92
C ASN E 34 -0.32 -25.71 -29.31
N VAL E 35 0.43 -26.04 -28.26
CA VAL E 35 1.10 -25.05 -27.42
C VAL E 35 2.17 -24.29 -28.19
N SER E 36 2.21 -22.98 -28.00
CA SER E 36 3.22 -22.12 -28.62
C SER E 36 3.20 -20.79 -27.89
N ARG E 37 4.24 -19.99 -28.14
CA ARG E 37 4.28 -18.60 -27.69
C ARG E 37 3.99 -17.61 -28.79
N GLN E 38 3.81 -18.06 -30.04
CA GLN E 38 3.64 -17.13 -31.15
C GLN E 38 2.26 -16.49 -31.14
N THR E 39 1.22 -17.29 -31.24
CA THR E 39 -0.16 -16.82 -31.26
C THR E 39 -0.76 -17.00 -29.88
N TYR E 40 -1.19 -15.90 -29.27
CA TYR E 40 -1.79 -15.92 -27.94
C TYR E 40 -2.75 -14.74 -27.84
N LYS E 41 -3.16 -14.45 -26.59
CA LYS E 41 -4.07 -13.38 -26.15
C LYS E 41 -5.43 -13.98 -25.85
N PHE E 42 -6.10 -14.47 -26.89
CA PHE E 42 -7.45 -15.04 -26.87
C PHE E 42 -7.99 -15.09 -28.28
N GLU E 43 -7.91 -13.98 -29.00
CA GLU E 43 -8.31 -13.95 -30.40
C GLU E 43 -7.53 -15.01 -31.18
N GLU E 44 -8.15 -15.54 -32.23
CA GLU E 44 -7.73 -16.76 -32.91
C GLU E 44 -7.93 -17.94 -31.96
N ILE E 45 -7.00 -18.89 -32.00
CA ILE E 45 -6.99 -20.03 -31.08
C ILE E 45 -8.30 -20.80 -31.26
N ARG E 46 -8.55 -21.26 -32.48
CA ARG E 46 -9.74 -22.05 -32.74
C ARG E 46 -9.67 -23.43 -32.10
N GLU E 47 -8.47 -23.92 -31.82
CA GLU E 47 -8.31 -25.18 -31.10
C GLU E 47 -8.37 -24.92 -29.60
N PHE E 48 -8.60 -25.94 -28.78
CA PHE E 48 -8.58 -25.70 -27.36
C PHE E 48 -7.63 -26.58 -26.53
N PRO E 49 -8.03 -27.16 -25.36
CA PRO E 49 -7.08 -27.78 -24.48
C PRO E 49 -5.85 -26.96 -24.64
N TYR E 50 -5.92 -25.70 -25.10
CA TYR E 50 -4.81 -24.82 -25.42
C TYR E 50 -4.15 -24.32 -24.15
N VAL E 51 -2.81 -24.34 -24.15
CA VAL E 51 -2.00 -23.69 -23.14
C VAL E 51 -1.02 -22.77 -23.84
N ALA E 52 -0.92 -21.54 -23.35
CA ALA E 52 -0.02 -20.53 -23.89
C ALA E 52 0.90 -20.05 -22.79
N VAL E 53 2.17 -19.91 -23.11
CA VAL E 53 3.18 -19.43 -22.17
C VAL E 53 3.51 -17.98 -22.50
N HIS E 54 3.14 -17.09 -21.61
CA HIS E 54 3.53 -15.69 -21.74
C HIS E 54 4.93 -15.55 -21.16
N ILE E 55 5.67 -14.57 -21.65
CA ILE E 55 7.02 -14.29 -21.15
C ILE E 55 7.01 -12.88 -20.57
N GLY E 56 7.41 -12.77 -19.31
CA GLY E 56 7.16 -11.55 -18.55
C GLY E 56 8.36 -10.90 -17.90
N THR E 57 8.09 -10.04 -16.93
CA THR E 57 9.11 -9.30 -16.21
C THR E 57 10.03 -10.25 -15.44
N GLU E 58 11.29 -9.84 -15.33
CA GLU E 58 12.32 -10.64 -14.68
C GLU E 58 12.91 -9.87 -13.50
N THR E 59 13.86 -10.50 -12.82
CA THR E 59 14.57 -9.90 -11.69
C THR E 59 15.98 -10.46 -11.67
N GLY E 60 16.93 -9.64 -11.24
CA GLY E 60 18.33 -10.04 -11.22
C GLY E 60 19.10 -9.43 -10.07
N GLN E 61 20.22 -10.09 -9.73
CA GLN E 61 21.14 -9.59 -8.72
C GLN E 61 22.56 -9.98 -9.12
N TYR E 62 23.54 -9.33 -8.50
CA TYR E 62 24.94 -9.46 -8.87
C TYR E 62 25.71 -10.16 -7.76
N LEU E 63 26.51 -11.18 -8.13
CA LEU E 63 27.41 -11.86 -7.21
C LEU E 63 28.86 -11.51 -7.53
N PRO E 64 29.73 -11.40 -6.51
CA PRO E 64 31.10 -10.89 -6.70
C PRO E 64 32.09 -11.90 -7.30
N SER E 65 31.63 -12.63 -8.32
CA SER E 65 32.53 -13.50 -9.06
C SER E 65 32.29 -13.46 -10.56
N GLY E 66 31.53 -12.48 -11.05
CA GLY E 66 31.13 -12.44 -12.44
C GLY E 66 29.87 -13.19 -12.76
N GLN E 67 29.42 -14.06 -11.86
CA GLN E 67 28.19 -14.81 -12.10
C GLN E 67 26.97 -13.97 -11.71
N GLN E 68 25.94 -14.05 -12.53
CA GLN E 68 24.72 -13.28 -12.35
C GLN E 68 23.54 -14.23 -12.16
N TRP E 69 22.72 -13.98 -11.15
CA TRP E 69 21.51 -14.75 -10.91
C TRP E 69 20.33 -14.00 -11.50
N MET E 70 19.59 -14.65 -12.38
CA MET E 70 18.44 -14.06 -13.06
C MET E 70 17.18 -14.85 -12.71
N PHE E 71 16.16 -14.14 -12.26
CA PHE E 71 14.86 -14.72 -11.97
C PHE E 71 13.88 -14.35 -13.07
N LEU E 72 13.46 -15.33 -13.87
CA LEU E 72 12.58 -15.11 -15.00
C LEU E 72 11.16 -15.57 -14.63
N GLU E 73 10.18 -14.77 -15.02
CA GLU E 73 8.78 -15.08 -14.77
C GLU E 73 8.09 -15.45 -16.07
N LEU E 74 7.45 -16.62 -16.07
CA LEU E 74 6.75 -17.14 -17.24
C LEU E 74 5.29 -17.34 -16.88
N PRO E 75 4.45 -16.33 -17.05
CA PRO E 75 3.00 -16.52 -16.83
C PRO E 75 2.44 -17.52 -17.83
N ILE E 76 1.76 -18.54 -17.30
CA ILE E 76 1.20 -19.61 -18.10
C ILE E 76 -0.31 -19.56 -17.98
N LEU E 77 -1.00 -19.58 -19.11
CA LEU E 77 -2.45 -19.54 -19.15
C LEU E 77 -2.97 -20.75 -19.90
N VAL E 78 -4.10 -21.28 -19.44
CA VAL E 78 -4.72 -22.45 -20.04
C VAL E 78 -6.17 -22.11 -20.38
N TYR E 79 -6.73 -22.82 -21.35
CA TYR E 79 -8.10 -22.62 -21.78
C TYR E 79 -8.77 -23.96 -22.05
N ASP E 80 -10.09 -23.99 -21.87
CA ASP E 80 -10.86 -25.22 -21.99
C ASP E 80 -12.26 -24.91 -22.47
N LYS E 81 -12.91 -25.92 -23.06
CA LYS E 81 -14.27 -25.79 -23.59
C LYS E 81 -15.08 -27.01 -23.17
N GLU E 82 -15.69 -26.95 -21.99
CA GLU E 82 -16.71 -27.89 -21.50
C GLU E 82 -16.23 -29.33 -21.75
N LYS E 83 -16.96 -30.13 -22.54
CA LYS E 83 -16.65 -31.54 -22.80
C LYS E 83 -16.50 -32.28 -21.47
N THR E 84 -17.65 -32.43 -20.79
CA THR E 84 -17.87 -32.94 -19.43
C THR E 84 -17.87 -31.79 -18.43
N ASP E 85 -16.71 -31.42 -17.90
CA ASP E 85 -16.67 -30.39 -16.89
C ASP E 85 -15.50 -29.45 -17.15
N ILE E 86 -15.69 -28.17 -16.81
CA ILE E 86 -14.60 -27.21 -16.82
C ILE E 86 -13.61 -27.51 -15.71
N GLN E 87 -14.10 -27.78 -14.50
CA GLN E 87 -13.23 -27.86 -13.35
C GLN E 87 -12.38 -29.13 -13.38
N GLU E 88 -12.99 -30.28 -13.67
CA GLU E 88 -12.24 -31.53 -13.67
C GLU E 88 -11.16 -31.51 -14.74
N GLN E 89 -11.51 -31.12 -15.95
CA GLN E 89 -10.52 -31.15 -17.04
C GLN E 89 -9.49 -30.06 -16.87
N LEU E 90 -9.87 -28.90 -16.34
CA LEU E 90 -8.89 -27.87 -16.04
C LEU E 90 -7.88 -28.36 -15.01
N GLU E 91 -8.37 -29.02 -13.96
CA GLU E 91 -7.48 -29.66 -13.00
C GLU E 91 -6.59 -30.69 -13.66
N LYS E 92 -7.14 -31.51 -14.55
CA LYS E 92 -6.36 -32.53 -15.22
C LYS E 92 -5.22 -31.92 -16.03
N LEU E 93 -5.54 -30.89 -16.80
CA LEU E 93 -4.54 -30.27 -17.67
C LEU E 93 -3.48 -29.54 -16.86
N VAL E 94 -3.88 -28.82 -15.80
CA VAL E 94 -2.89 -28.13 -14.99
C VAL E 94 -2.02 -29.14 -14.24
N ALA E 95 -2.59 -30.27 -13.81
CA ALA E 95 -1.80 -31.30 -13.18
C ALA E 95 -0.79 -31.88 -14.15
N ASP E 96 -1.18 -32.10 -15.40
CA ASP E 96 -0.24 -32.61 -16.40
C ASP E 96 0.87 -31.61 -16.67
N ILE E 97 0.53 -30.33 -16.79
CA ILE E 97 1.58 -29.34 -17.04
C ILE E 97 2.52 -29.25 -15.83
N LYS E 98 1.97 -29.41 -14.62
CA LYS E 98 2.81 -29.34 -13.43
C LYS E 98 3.74 -30.56 -13.35
N THR E 99 3.23 -31.74 -13.70
CA THR E 99 4.10 -32.91 -13.64
C THR E 99 5.16 -32.85 -14.74
N VAL E 100 4.84 -32.24 -15.88
CA VAL E 100 5.86 -32.04 -16.90
C VAL E 100 6.92 -31.06 -16.41
N ILE E 101 6.50 -29.97 -15.77
CA ILE E 101 7.49 -28.97 -15.33
C ILE E 101 8.31 -29.51 -14.16
N ASP E 102 7.77 -30.48 -13.42
CA ASP E 102 8.46 -30.96 -12.23
C ASP E 102 9.29 -32.22 -12.49
N THR E 103 8.63 -33.32 -12.84
CA THR E 103 9.29 -34.62 -12.71
C THR E 103 10.24 -34.91 -13.86
N GLY E 104 10.16 -34.17 -14.96
CA GLY E 104 10.99 -34.49 -16.10
C GLY E 104 12.27 -33.69 -16.21
N GLY E 105 13.38 -34.29 -15.76
CA GLY E 105 14.71 -33.75 -15.97
C GLY E 105 14.89 -32.28 -15.66
N ASN E 106 15.87 -31.66 -16.31
CA ASN E 106 16.05 -30.22 -16.29
C ASN E 106 15.67 -29.63 -17.64
N LEU E 107 15.85 -28.32 -17.77
CA LEU E 107 15.45 -27.64 -18.99
C LEU E 107 16.62 -27.52 -19.97
N GLU E 108 16.34 -27.83 -21.22
CA GLU E 108 17.30 -27.71 -22.31
C GLU E 108 17.25 -26.29 -22.87
N TYR E 109 18.32 -25.91 -23.58
CA TYR E 109 18.37 -24.65 -24.30
C TYR E 109 18.73 -24.91 -25.76
N THR E 110 18.40 -23.94 -26.60
CA THR E 110 18.82 -23.91 -27.99
C THR E 110 19.32 -22.51 -28.32
N VAL E 111 20.10 -21.94 -27.40
CA VAL E 111 20.54 -20.56 -27.53
C VAL E 111 21.52 -20.43 -28.69
N SER E 112 21.59 -19.23 -29.26
CA SER E 112 22.40 -18.95 -30.44
C SER E 112 23.50 -17.97 -30.07
N LYS E 113 24.74 -18.35 -30.34
CA LYS E 113 25.88 -17.46 -30.15
C LYS E 113 25.94 -16.44 -31.28
N PRO E 114 26.64 -15.31 -31.08
CA PRO E 114 26.70 -14.29 -32.11
C PRO E 114 27.24 -14.77 -33.45
N ASN E 115 26.36 -14.81 -34.45
CA ASN E 115 26.71 -15.20 -35.82
C ASN E 115 27.41 -16.56 -35.85
N GLY E 116 26.97 -17.46 -34.99
CA GLY E 116 27.55 -18.78 -34.94
C GLY E 116 26.52 -19.89 -34.88
N SER E 117 26.87 -21.02 -34.27
CA SER E 117 25.98 -22.15 -34.13
C SER E 117 25.20 -22.02 -32.83
N THR E 118 24.51 -23.09 -32.46
CA THR E 118 23.76 -23.14 -31.22
C THR E 118 24.43 -24.11 -30.25
N PHE E 119 24.90 -23.60 -29.12
CA PHE E 119 25.51 -24.45 -28.10
C PHE E 119 24.49 -24.70 -27.00
N PRO E 120 24.16 -25.97 -26.71
CA PRO E 120 23.14 -26.25 -25.68
C PRO E 120 23.61 -25.83 -24.30
N CYS E 121 22.65 -25.42 -23.48
CA CYS E 121 22.89 -25.11 -22.07
C CYS E 121 21.65 -25.53 -21.29
N GLU E 122 21.72 -25.39 -19.97
CA GLU E 122 20.67 -25.86 -19.08
C GLU E 122 20.18 -24.72 -18.18
N ALA E 123 19.01 -24.93 -17.59
CA ALA E 123 18.43 -24.05 -16.59
C ALA E 123 18.69 -24.65 -15.22
N THR E 124 19.16 -23.82 -14.28
CA THR E 124 19.62 -24.33 -13.00
C THR E 124 18.49 -25.00 -12.22
N ASP E 125 17.34 -24.31 -12.09
CA ASP E 125 16.26 -24.84 -11.28
C ASP E 125 14.95 -24.19 -11.71
N MET E 126 13.85 -24.91 -11.46
CA MET E 126 12.51 -24.39 -11.68
C MET E 126 11.74 -24.38 -10.37
N ILE E 127 10.98 -23.31 -10.15
CA ILE E 127 10.10 -23.18 -9.00
C ILE E 127 8.77 -22.63 -9.49
N ILE E 128 7.67 -23.18 -8.97
CA ILE E 128 6.33 -22.83 -9.44
C ILE E 128 5.59 -22.13 -8.30
N THR E 129 5.13 -20.91 -8.57
CA THR E 129 4.41 -20.11 -7.60
C THR E 129 2.91 -20.33 -7.74
N SER E 130 2.11 -19.41 -7.21
CA SER E 130 0.66 -19.52 -7.19
C SER E 130 0.10 -19.87 -8.57
N VAL E 131 -0.99 -20.64 -8.56
CA VAL E 131 -1.71 -21.04 -9.77
C VAL E 131 -3.16 -20.64 -9.58
N SER E 132 -3.56 -19.53 -10.22
CA SER E 132 -4.92 -19.01 -10.07
C SER E 132 -5.89 -19.77 -10.97
N THR E 133 -7.18 -19.54 -10.72
CA THR E 133 -8.26 -20.11 -11.51
C THR E 133 -9.31 -19.04 -11.77
N ASP E 134 -9.80 -18.98 -13.00
CA ASP E 134 -10.74 -17.95 -13.41
C ASP E 134 -12.09 -18.18 -12.73
N GLU E 135 -13.01 -17.24 -12.89
CA GLU E 135 -14.31 -17.26 -12.25
C GLU E 135 -15.36 -17.79 -13.23
N GLY E 136 -16.62 -17.71 -12.79
CA GLY E 136 -17.69 -18.35 -13.54
C GLY E 136 -17.97 -17.74 -14.89
N LEU E 137 -17.77 -16.43 -15.03
CA LEU E 137 -18.13 -15.73 -16.26
C LEU E 137 -17.41 -16.33 -17.45
N LEU E 138 -18.02 -16.20 -18.62
CA LEU E 138 -17.64 -16.95 -19.82
C LEU E 138 -17.71 -18.45 -19.53
N ALA E 139 -18.94 -18.92 -19.28
CA ALA E 139 -19.16 -20.27 -18.77
C ALA E 139 -18.55 -21.37 -19.62
N PRO E 140 -18.76 -21.44 -20.94
CA PRO E 140 -18.19 -22.57 -21.70
C PRO E 140 -16.68 -22.49 -21.86
N TYR E 141 -16.08 -21.33 -21.61
CA TYR E 141 -14.64 -21.18 -21.65
C TYR E 141 -14.11 -21.08 -20.22
N GLY E 142 -12.79 -21.05 -20.09
CA GLY E 142 -12.19 -20.99 -18.77
C GLY E 142 -10.71 -20.70 -18.83
N LEU E 143 -10.18 -20.14 -17.75
CA LEU E 143 -8.78 -19.82 -17.62
C LEU E 143 -8.27 -20.30 -16.27
N ALA E 144 -6.95 -20.52 -16.21
CA ALA E 144 -6.29 -20.84 -14.95
C ALA E 144 -4.84 -20.37 -15.06
N GLU E 145 -4.56 -19.21 -14.49
CA GLU E 145 -3.22 -18.63 -14.54
C GLU E 145 -2.24 -19.50 -13.78
N ILE E 146 -1.06 -19.70 -14.36
CA ILE E 146 0.04 -20.41 -13.72
C ILE E 146 1.27 -19.51 -13.75
N ASN E 147 1.78 -19.17 -12.58
CA ASN E 147 2.96 -18.30 -12.45
C ASN E 147 4.15 -19.18 -12.10
N VAL E 148 5.04 -19.39 -13.06
CA VAL E 148 6.25 -20.17 -12.84
C VAL E 148 7.45 -19.26 -13.01
N THR E 149 8.48 -19.54 -12.22
CA THR E 149 9.72 -18.79 -12.30
C THR E 149 10.90 -19.75 -12.37
N VAL E 150 11.89 -19.40 -13.19
CA VAL E 150 13.07 -20.22 -13.38
C VAL E 150 14.30 -19.41 -12.98
N ARG E 151 15.33 -20.11 -12.54
CA ARG E 151 16.62 -19.50 -12.17
C ARG E 151 17.66 -20.06 -13.13
N TYR E 152 18.26 -19.18 -13.92
CA TYR E 152 19.28 -19.59 -14.87
C TYR E 152 20.54 -18.75 -14.68
N GLN E 153 21.68 -19.40 -14.85
CA GLN E 153 22.95 -18.70 -14.88
C GLN E 153 23.29 -18.36 -16.31
N PRO E 154 23.21 -17.09 -16.72
CA PRO E 154 23.55 -16.74 -18.09
C PRO E 154 25.03 -16.94 -18.33
N PRO E 155 25.44 -17.10 -19.60
CA PRO E 155 26.86 -17.24 -19.88
C PRO E 155 27.63 -16.04 -19.37
N ARG E 156 28.63 -16.31 -18.53
CA ARG E 156 29.33 -15.25 -17.82
C ARG E 156 30.19 -14.45 -18.79
N ARG E 157 29.56 -13.58 -19.58
CA ARG E 157 30.30 -12.84 -20.58
C ARG E 157 30.99 -11.64 -19.94
N SER E 158 31.71 -11.90 -18.86
CA SER E 158 32.65 -10.96 -18.27
C SER E 158 33.98 -11.68 -18.11
N LEU E 159 35.02 -10.93 -17.75
CA LEU E 159 36.39 -11.40 -17.64
C LEU E 159 36.98 -11.79 -18.99
N ARG E 160 36.20 -11.69 -20.07
CA ARG E 160 36.66 -11.94 -21.44
C ARG E 160 36.07 -10.82 -22.30
N ARG E 161 36.82 -9.73 -22.41
CA ARG E 161 36.34 -8.50 -23.01
C ARG E 161 36.48 -8.51 -24.52
N MET F 1 27.97 18.78 -9.45
CA MET F 1 27.21 17.54 -9.23
C MET F 1 26.05 17.41 -10.22
N ASP F 2 25.09 16.54 -9.89
CA ASP F 2 24.02 16.17 -10.81
C ASP F 2 24.62 15.58 -12.08
N HIS F 3 24.84 16.42 -13.09
CA HIS F 3 25.59 16.09 -14.29
C HIS F 3 24.97 14.93 -15.05
N ARG F 4 23.65 14.90 -15.18
CA ARG F 4 22.94 13.68 -15.56
C ARG F 4 22.80 13.55 -17.08
N THR F 5 22.56 14.67 -17.79
CA THR F 5 22.48 14.55 -19.24
C THR F 5 23.81 14.15 -19.82
N SER F 6 24.91 14.46 -19.11
CA SER F 6 26.21 13.95 -19.49
C SER F 6 26.28 12.44 -19.34
N ILE F 7 25.69 11.88 -18.28
CA ILE F 7 25.61 10.43 -18.13
C ILE F 7 24.84 9.83 -19.30
N ALA F 8 23.68 10.41 -19.63
CA ALA F 8 22.87 9.87 -20.70
C ALA F 8 23.59 9.94 -22.04
N GLN F 9 24.21 11.08 -22.35
CA GLN F 9 24.92 11.23 -23.62
C GLN F 9 26.11 10.30 -23.68
N ALA F 10 26.81 10.11 -22.55
CA ALA F 10 27.93 9.18 -22.52
C ALA F 10 27.46 7.76 -22.79
N MET F 11 26.33 7.35 -22.19
CA MET F 11 25.81 6.02 -22.46
C MET F 11 25.42 5.86 -23.92
N VAL F 12 24.77 6.87 -24.49
CA VAL F 12 24.39 6.81 -25.91
C VAL F 12 25.62 6.71 -26.79
N ASP F 13 26.64 7.54 -26.53
CA ASP F 13 27.86 7.51 -27.34
C ASP F 13 28.56 6.16 -27.21
N ARG F 14 28.64 5.63 -26.00
CA ARG F 14 29.26 4.33 -25.79
C ARG F 14 28.55 3.25 -26.57
N ILE F 15 27.22 3.20 -26.47
CA ILE F 15 26.46 2.19 -27.19
C ILE F 15 26.66 2.35 -28.70
N SER F 16 26.63 3.59 -29.18
CA SER F 16 26.75 3.83 -30.62
C SER F 16 28.09 3.33 -31.16
N LYS F 17 29.19 3.76 -30.54
CA LYS F 17 30.50 3.35 -31.05
C LYS F 17 30.84 1.90 -30.72
N GLN F 18 30.13 1.29 -29.77
CA GLN F 18 30.39 -0.12 -29.50
C GLN F 18 29.47 -1.06 -30.28
N MET F 19 28.47 -0.54 -30.98
CA MET F 19 27.52 -1.38 -31.69
C MET F 19 27.43 -1.10 -33.19
N ASP F 20 28.14 -0.11 -33.72
CA ASP F 20 27.94 0.33 -35.09
C ASP F 20 28.87 -0.42 -36.04
N GLY F 21 28.29 -1.26 -36.89
CA GLY F 21 28.97 -1.83 -38.05
C GLY F 21 30.35 -2.40 -37.81
N SER F 22 30.67 -2.76 -36.57
CA SER F 22 31.98 -3.28 -36.23
C SER F 22 31.83 -4.43 -35.27
N GLN F 23 32.86 -5.29 -35.21
CA GLN F 23 32.88 -6.53 -34.44
C GLN F 23 31.58 -7.32 -34.68
N PRO F 24 31.46 -7.97 -35.83
CA PRO F 24 30.27 -8.82 -36.07
C PRO F 24 30.06 -9.87 -35.01
N ASP F 25 31.13 -10.44 -34.45
CA ASP F 25 31.01 -11.29 -33.28
C ASP F 25 30.44 -10.49 -32.11
N GLU F 26 30.21 -11.18 -30.98
CA GLU F 26 29.82 -10.57 -29.71
C GLU F 26 28.53 -9.75 -29.87
N TYR F 27 28.59 -8.70 -30.69
CA TYR F 27 27.45 -7.83 -30.95
C TYR F 27 27.03 -8.01 -32.41
N PHE F 28 25.73 -8.22 -32.65
CA PHE F 28 25.22 -8.00 -34.01
C PHE F 28 23.85 -7.33 -33.89
N ASN F 29 23.83 -6.04 -34.16
CA ASN F 29 22.62 -5.34 -34.58
C ASN F 29 22.84 -4.47 -35.81
N ASN F 30 24.10 -4.19 -36.17
CA ASN F 30 24.45 -3.45 -37.38
C ASN F 30 23.71 -2.11 -37.42
N LEU F 31 23.50 -1.57 -36.22
CA LEU F 31 22.87 -0.26 -36.09
C LEU F 31 23.83 0.78 -36.63
N TYR F 32 23.53 1.31 -37.82
CA TYR F 32 24.35 2.36 -38.40
C TYR F 32 24.36 3.57 -37.48
N GLY F 33 23.36 3.66 -36.61
CA GLY F 33 23.28 4.60 -35.51
C GLY F 33 21.91 5.24 -35.45
N ASN F 34 21.22 5.02 -34.34
CA ASN F 34 19.91 5.64 -34.14
C ASN F 34 19.80 6.16 -32.71
N VAL F 35 20.51 5.51 -31.79
CA VAL F 35 20.42 5.77 -30.36
C VAL F 35 20.63 7.25 -30.05
N SER F 36 19.79 7.79 -29.18
CA SER F 36 19.86 9.20 -28.80
C SER F 36 19.03 9.40 -27.53
N ARG F 37 19.03 10.63 -27.03
CA ARG F 37 18.22 11.02 -25.89
C ARG F 37 17.30 12.20 -26.19
N GLN F 38 17.61 13.01 -27.21
CA GLN F 38 16.76 14.15 -27.53
C GLN F 38 15.39 13.72 -28.03
N THR F 39 15.34 12.70 -28.88
CA THR F 39 14.12 12.26 -29.53
C THR F 39 13.66 10.93 -28.94
N TYR F 40 12.50 10.94 -28.28
CA TYR F 40 11.87 9.73 -27.77
C TYR F 40 10.36 9.96 -27.78
N LYS F 41 9.65 9.14 -26.99
CA LYS F 41 8.20 9.08 -26.76
C LYS F 41 7.61 7.91 -27.51
N PHE F 42 7.53 8.05 -28.84
CA PHE F 42 6.94 7.09 -29.78
C PHE F 42 6.64 7.81 -31.09
N GLU F 43 6.00 8.97 -31.01
CA GLU F 43 5.80 9.79 -32.20
C GLU F 43 7.14 10.17 -32.79
N GLU F 44 7.18 10.28 -34.12
CA GLU F 44 8.41 10.19 -34.90
C GLU F 44 8.93 8.76 -34.82
N ILE F 45 10.25 8.59 -34.86
CA ILE F 45 10.87 7.27 -34.88
C ILE F 45 10.36 6.53 -36.11
N ARG F 46 10.80 6.94 -37.30
CA ARG F 46 10.49 6.20 -38.51
C ARG F 46 11.48 5.07 -38.77
N GLU F 47 12.63 5.09 -38.10
CA GLU F 47 13.58 3.99 -38.17
C GLU F 47 13.41 3.11 -36.92
N PHE F 48 13.66 1.83 -37.16
CA PHE F 48 13.45 0.86 -36.09
C PHE F 48 14.67 0.31 -35.42
N PRO F 49 14.65 -0.89 -34.85
CA PRO F 49 15.72 -1.26 -33.96
C PRO F 49 16.16 -0.08 -33.13
N TYR F 50 15.56 1.12 -33.23
CA TYR F 50 15.91 2.28 -32.44
C TYR F 50 15.86 1.95 -30.95
N VAL F 51 16.88 2.38 -30.22
CA VAL F 51 16.93 2.26 -28.77
C VAL F 51 17.02 3.67 -28.17
N ALA F 52 16.17 3.93 -27.18
CA ALA F 52 16.08 5.23 -26.56
C ALA F 52 16.45 5.15 -25.10
N VAL F 53 17.03 6.24 -24.59
CA VAL F 53 17.40 6.36 -23.18
C VAL F 53 16.50 7.41 -22.54
N HIS F 54 15.93 7.08 -21.40
CA HIS F 54 15.07 7.97 -20.66
C HIS F 54 15.85 8.64 -19.53
N ILE F 55 15.16 9.51 -18.80
CA ILE F 55 15.70 10.16 -17.61
C ILE F 55 14.79 9.83 -16.45
N GLY F 56 15.35 9.26 -15.39
CA GLY F 56 14.54 8.83 -14.27
C GLY F 56 14.89 9.50 -12.95
N THR F 57 14.24 9.05 -11.89
CA THR F 57 14.49 9.62 -10.57
C THR F 57 15.89 9.27 -10.09
N GLU F 58 16.53 10.23 -9.44
CA GLU F 58 17.85 10.02 -8.85
C GLU F 58 17.68 9.92 -7.33
N THR F 59 18.74 9.46 -6.67
CA THR F 59 18.76 9.34 -5.23
C THR F 59 20.17 9.62 -4.72
N GLY F 60 20.28 10.30 -3.59
CA GLY F 60 21.56 10.65 -3.03
C GLY F 60 21.65 10.29 -1.56
N GLN F 61 22.86 9.96 -1.12
CA GLN F 61 23.15 9.71 0.28
C GLN F 61 24.52 10.28 0.61
N TYR F 62 24.67 10.73 1.86
CA TYR F 62 25.82 11.50 2.30
C TYR F 62 26.78 10.61 3.09
N LEU F 63 28.10 10.76 2.82
CA LEU F 63 29.16 10.21 3.65
C LEU F 63 29.91 11.34 4.35
N PRO F 64 30.28 11.17 5.62
CA PRO F 64 30.79 12.29 6.43
C PRO F 64 32.24 12.67 6.16
N SER F 65 32.60 12.70 4.88
CA SER F 65 33.91 13.21 4.47
C SER F 65 33.82 14.09 3.23
N GLY F 66 32.64 14.65 2.93
CA GLY F 66 32.44 15.36 1.69
C GLY F 66 32.10 14.48 0.51
N GLN F 67 32.23 13.18 0.64
CA GLN F 67 31.94 12.25 -0.45
C GLN F 67 30.44 12.15 -0.67
N GLN F 68 30.04 12.19 -1.94
CA GLN F 68 28.65 12.06 -2.34
C GLN F 68 28.50 10.88 -3.29
N TRP F 69 27.58 9.98 -2.98
CA TRP F 69 27.23 8.87 -3.85
C TRP F 69 25.80 9.05 -4.31
N MET F 70 25.59 9.04 -5.63
CA MET F 70 24.33 9.43 -6.24
C MET F 70 23.74 8.24 -6.97
N PHE F 71 22.67 7.67 -6.42
CA PHE F 71 21.93 6.64 -7.13
C PHE F 71 21.11 7.28 -8.23
N LEU F 72 21.17 6.68 -9.42
CA LEU F 72 20.54 7.23 -10.61
C LEU F 72 19.84 6.10 -11.37
N GLU F 73 18.84 6.48 -12.16
CA GLU F 73 18.05 5.51 -12.92
C GLU F 73 17.84 6.00 -14.34
N LEU F 74 18.19 5.15 -15.31
CA LEU F 74 17.93 5.38 -16.73
C LEU F 74 17.06 4.26 -17.29
N PRO F 75 15.73 4.44 -17.33
CA PRO F 75 14.91 3.50 -18.09
C PRO F 75 15.31 3.48 -19.57
N ILE F 76 15.30 2.30 -20.16
CA ILE F 76 15.71 2.10 -21.54
C ILE F 76 14.59 1.38 -22.28
N LEU F 77 14.29 1.82 -23.49
CA LEU F 77 13.25 1.23 -24.31
C LEU F 77 13.80 0.86 -25.67
N VAL F 78 13.28 -0.22 -26.24
CA VAL F 78 13.67 -0.68 -27.58
C VAL F 78 12.39 -0.93 -28.39
N TYR F 79 12.40 -0.49 -29.64
CA TYR F 79 11.25 -0.62 -30.53
C TYR F 79 11.66 -1.38 -31.78
N ASP F 80 10.87 -2.40 -32.13
CA ASP F 80 11.24 -3.31 -33.20
C ASP F 80 10.05 -3.63 -34.09
N LYS F 81 10.32 -3.81 -35.38
CA LYS F 81 9.36 -4.30 -36.35
C LYS F 81 9.52 -5.81 -36.46
N GLU F 82 8.87 -6.46 -37.45
CA GLU F 82 9.04 -7.89 -37.71
C GLU F 82 10.09 -8.08 -38.81
N LYS F 83 11.35 -8.20 -38.41
CA LYS F 83 12.34 -8.75 -39.32
C LYS F 83 12.19 -10.26 -39.43
N THR F 84 12.31 -10.97 -38.31
CA THR F 84 12.02 -12.40 -38.26
C THR F 84 10.87 -12.68 -37.32
N ASP F 85 10.96 -12.17 -36.09
CA ASP F 85 9.95 -12.38 -35.06
C ASP F 85 10.17 -11.36 -33.96
N ILE F 86 9.07 -10.83 -33.40
CA ILE F 86 9.17 -9.78 -32.39
C ILE F 86 9.96 -10.27 -31.19
N GLN F 87 9.60 -11.43 -30.65
CA GLN F 87 10.26 -11.92 -29.45
C GLN F 87 11.74 -12.14 -29.68
N GLU F 88 12.11 -12.81 -30.77
CA GLU F 88 13.51 -13.18 -30.99
C GLU F 88 14.39 -11.95 -31.18
N GLN F 89 14.01 -11.05 -32.09
CA GLN F 89 14.87 -9.93 -32.39
C GLN F 89 14.85 -8.90 -31.28
N LEU F 90 13.67 -8.67 -30.66
CA LEU F 90 13.62 -7.81 -29.49
C LEU F 90 14.50 -8.36 -28.38
N GLU F 91 14.54 -9.69 -28.24
CA GLU F 91 15.31 -10.28 -27.17
C GLU F 91 16.81 -10.22 -27.43
N LYS F 92 17.24 -10.42 -28.66
CA LYS F 92 18.69 -10.32 -28.85
C LYS F 92 19.11 -8.85 -28.89
N LEU F 93 18.17 -7.96 -29.19
CA LEU F 93 18.39 -6.53 -28.94
C LEU F 93 18.67 -6.27 -27.46
N VAL F 94 17.79 -6.74 -26.57
CA VAL F 94 18.00 -6.49 -25.15
C VAL F 94 19.26 -7.20 -24.66
N ALA F 95 19.55 -8.38 -25.22
CA ALA F 95 20.79 -9.07 -24.88
C ALA F 95 22.01 -8.24 -25.27
N ASP F 96 22.04 -7.72 -26.50
CA ASP F 96 23.18 -6.92 -26.94
C ASP F 96 23.34 -5.68 -26.10
N ILE F 97 22.23 -5.00 -25.78
CA ILE F 97 22.35 -3.78 -24.98
C ILE F 97 22.82 -4.12 -23.56
N LYS F 98 22.37 -5.24 -23.00
CA LYS F 98 22.87 -5.63 -21.68
C LYS F 98 24.36 -5.97 -21.74
N THR F 99 24.80 -6.62 -22.80
CA THR F 99 26.21 -6.93 -22.95
C THR F 99 27.05 -5.66 -23.06
N VAL F 100 26.56 -4.66 -23.79
CA VAL F 100 27.32 -3.42 -23.88
C VAL F 100 27.26 -2.66 -22.55
N ILE F 101 26.21 -2.89 -21.75
CA ILE F 101 26.19 -2.38 -20.38
C ILE F 101 27.27 -3.04 -19.54
N ASP F 102 27.41 -4.36 -19.64
CA ASP F 102 28.19 -5.12 -18.67
C ASP F 102 29.65 -5.32 -19.06
N THR F 103 29.90 -5.93 -20.23
CA THR F 103 31.21 -6.51 -20.49
C THR F 103 32.30 -5.45 -20.61
N GLY F 104 31.97 -4.25 -21.06
CA GLY F 104 33.01 -3.28 -21.32
C GLY F 104 33.20 -2.19 -20.28
N GLY F 105 34.18 -2.38 -19.39
CA GLY F 105 34.71 -1.33 -18.55
C GLY F 105 33.70 -0.47 -17.80
N ASN F 106 34.14 0.72 -17.40
CA ASN F 106 33.27 1.76 -16.91
C ASN F 106 33.11 2.85 -17.97
N LEU F 107 32.27 3.84 -17.67
CA LEU F 107 31.97 4.87 -18.65
C LEU F 107 33.18 5.73 -18.96
N GLU F 108 33.44 5.94 -20.24
CA GLU F 108 34.11 7.16 -20.64
C GLU F 108 33.11 8.31 -20.60
N TYR F 109 33.52 9.42 -20.01
CA TYR F 109 32.55 10.40 -19.53
C TYR F 109 33.01 11.80 -19.92
N THR F 110 32.04 12.70 -20.08
CA THR F 110 32.28 13.99 -20.73
C THR F 110 31.67 15.11 -19.89
N VAL F 111 32.04 15.15 -18.60
CA VAL F 111 31.57 16.22 -17.73
C VAL F 111 32.07 17.56 -18.24
N SER F 112 31.35 18.63 -17.91
CA SER F 112 31.67 19.98 -18.35
C SER F 112 31.85 20.88 -17.14
N LYS F 113 33.04 21.45 -17.01
CA LYS F 113 33.30 22.43 -15.97
C LYS F 113 32.72 23.79 -16.36
N PRO F 114 32.15 24.52 -15.40
CA PRO F 114 31.66 25.87 -15.69
C PRO F 114 32.72 26.80 -16.26
N ASN F 115 32.45 27.34 -17.45
CA ASN F 115 33.33 28.31 -18.11
C ASN F 115 34.74 27.75 -18.29
N GLY F 116 34.83 26.44 -18.51
CA GLY F 116 36.11 25.81 -18.71
C GLY F 116 36.10 24.75 -19.80
N SER F 117 36.93 23.72 -19.62
CA SER F 117 37.02 22.62 -20.56
C SER F 117 36.51 21.35 -19.92
N THR F 118 36.37 20.31 -20.74
CA THR F 118 35.86 19.02 -20.28
C THR F 118 36.97 18.22 -19.62
N PHE F 119 36.76 17.83 -18.37
CA PHE F 119 37.68 16.96 -17.65
C PHE F 119 37.13 15.54 -17.66
N PRO F 120 37.52 14.68 -18.60
CA PRO F 120 36.93 13.34 -18.67
C PRO F 120 37.11 12.58 -17.36
N CYS F 121 36.06 11.87 -16.96
CA CYS F 121 36.00 11.23 -15.66
C CYS F 121 35.40 9.83 -15.82
N GLU F 122 35.04 9.24 -14.69
CA GLU F 122 34.61 7.85 -14.64
C GLU F 122 33.33 7.72 -13.83
N ALA F 123 32.58 6.65 -14.12
CA ALA F 123 31.40 6.28 -13.35
C ALA F 123 31.68 4.94 -12.69
N THR F 124 31.42 4.85 -11.38
CA THR F 124 31.92 3.74 -10.58
C THR F 124 31.33 2.40 -11.05
N ASP F 125 30.02 2.23 -10.90
CA ASP F 125 29.43 0.91 -11.14
C ASP F 125 28.02 1.08 -11.71
N MET F 126 27.55 0.01 -12.34
CA MET F 126 26.23 -0.03 -12.95
C MET F 126 25.55 -1.34 -12.60
N ILE F 127 24.30 -1.25 -12.15
CA ILE F 127 23.50 -2.43 -11.79
C ILE F 127 22.25 -2.43 -12.66
N ILE F 128 21.97 -3.56 -13.30
CA ILE F 128 20.81 -3.71 -14.17
C ILE F 128 19.72 -4.47 -13.41
N THR F 129 18.61 -3.80 -13.18
CA THR F 129 17.46 -4.38 -12.50
C THR F 129 16.49 -4.94 -13.55
N SER F 130 15.24 -5.18 -13.14
CA SER F 130 14.20 -5.83 -13.93
C SER F 130 14.17 -5.44 -15.41
N VAL F 131 14.00 -6.43 -16.27
CA VAL F 131 13.82 -6.24 -17.71
C VAL F 131 12.42 -6.72 -18.05
N SER F 132 11.61 -5.82 -18.60
CA SER F 132 10.21 -6.12 -18.92
C SER F 132 9.99 -6.05 -20.42
N THR F 133 8.82 -6.52 -20.84
CA THR F 133 8.38 -6.44 -22.23
C THR F 133 6.96 -5.89 -22.27
N ASP F 134 6.38 -5.86 -23.47
CA ASP F 134 5.05 -5.30 -23.66
C ASP F 134 4.01 -6.42 -23.64
N GLU F 135 2.76 -6.07 -23.96
CA GLU F 135 1.67 -7.01 -24.06
C GLU F 135 1.42 -7.30 -25.54
N GLY F 136 0.48 -8.21 -25.83
CA GLY F 136 0.23 -8.60 -27.21
C GLY F 136 -0.27 -7.45 -28.07
N LEU F 137 -0.84 -6.42 -27.45
CA LEU F 137 -1.31 -5.27 -28.20
C LEU F 137 -0.15 -4.59 -28.92
N LEU F 138 -0.48 -3.86 -29.98
CA LEU F 138 0.50 -3.28 -30.91
C LEU F 138 1.38 -4.39 -31.50
N ALA F 139 0.72 -5.27 -32.26
CA ALA F 139 1.43 -6.39 -32.87
C ALA F 139 2.56 -5.98 -33.79
N PRO F 140 2.39 -5.06 -34.75
CA PRO F 140 3.51 -4.77 -35.66
C PRO F 140 4.73 -4.17 -35.00
N TYR F 141 4.59 -3.57 -33.82
CA TYR F 141 5.71 -3.01 -33.08
C TYR F 141 5.97 -3.80 -31.81
N GLY F 142 6.91 -3.32 -31.01
CA GLY F 142 7.26 -3.97 -29.77
C GLY F 142 7.96 -3.01 -28.82
N LEU F 143 7.88 -3.32 -27.53
CA LEU F 143 8.53 -2.53 -26.50
C LEU F 143 9.12 -3.47 -25.45
N ALA F 144 10.23 -3.04 -24.85
CA ALA F 144 10.89 -3.80 -23.80
C ALA F 144 11.55 -2.84 -22.83
N GLU F 145 11.11 -2.84 -21.58
CA GLU F 145 11.65 -1.93 -20.58
C GLU F 145 12.96 -2.44 -20.02
N ILE F 146 13.91 -1.53 -19.83
CA ILE F 146 15.19 -1.82 -19.20
C ILE F 146 15.38 -0.84 -18.06
N ASN F 147 15.73 -1.35 -16.88
CA ASN F 147 15.93 -0.53 -15.70
C ASN F 147 17.36 -0.73 -15.22
N VAL F 148 18.20 0.28 -15.44
CA VAL F 148 19.59 0.24 -15.03
C VAL F 148 19.83 1.36 -14.02
N THR F 149 20.91 1.22 -13.25
CA THR F 149 21.29 2.22 -12.27
C THR F 149 22.74 2.62 -12.50
N VAL F 150 22.98 3.93 -12.50
CA VAL F 150 24.32 4.49 -12.61
C VAL F 150 24.73 4.99 -11.23
N ARG F 151 25.86 4.48 -10.74
CA ARG F 151 26.33 4.76 -9.38
C ARG F 151 27.63 5.53 -9.50
N TYR F 152 27.58 6.85 -9.28
CA TYR F 152 28.73 7.71 -9.49
C TYR F 152 28.91 8.68 -8.34
N GLN F 153 30.17 9.12 -8.16
CA GLN F 153 30.56 10.16 -7.22
C GLN F 153 30.89 11.43 -7.99
N PRO F 154 30.13 12.50 -7.80
CA PRO F 154 30.42 13.75 -8.53
C PRO F 154 31.78 14.30 -8.16
N PRO F 155 32.51 14.85 -9.12
CA PRO F 155 33.88 15.32 -8.85
C PRO F 155 33.93 16.58 -8.00
N ARG F 156 33.42 16.52 -6.77
CA ARG F 156 33.47 17.65 -5.86
C ARG F 156 33.26 17.15 -4.43
N ARG F 157 33.67 17.98 -3.47
CA ARG F 157 33.56 17.67 -2.06
C ARG F 157 32.95 18.84 -1.32
N SER F 158 32.34 18.55 -0.18
CA SER F 158 31.67 19.58 0.62
C SER F 158 32.69 20.32 1.47
N LEU F 159 32.19 21.26 2.27
CA LEU F 159 33.03 22.03 3.18
C LEU F 159 33.50 21.16 4.34
#